data_7XAB
#
_entry.id   7XAB
#
_cell.length_a   58.622
_cell.length_b   80.410
_cell.length_c   162.952
_cell.angle_alpha   90.000
_cell.angle_beta   90.000
_cell.angle_gamma   90.000
#
_symmetry.space_group_name_H-M   'P 21 21 21'
#
loop_
_entity.id
_entity.type
_entity.pdbx_description
1 polymer "Isoform 3 of cAMP-specific 3',5'-cyclic phosphodiesterase 4D"
2 non-polymer 'ZINC ION'
3 non-polymer 'MAGNESIUM ION'
4 non-polymer 9-(cyclopropylmethoxy)-8-methoxy-2,2-dimethyl-7-(3-methylbut-2-enyl)-5-(pyridin-4-ylmethoxy)pyrano[3,2-b]xanthen-6-one
5 water water
#
_entity_poly.entity_id   1
_entity_poly.type   'polypeptide(L)'
_entity_poly.pdbx_seq_one_letter_code
;MASNKFKRMLNRELTHLSEMSRSGNQVSEFISNTFLDKQHEVEIPSPTQKEKEKKKRPMSQISGVKKLMHSSSLTNSSIP
RFGVKTEQEDVLAKELEDVNKWGLHVFRIAELSGNRPLTVIMHTIFQERDLLKTFKIPVDTLITYLMTLEDHYHADVAYH
NNIHAADVVQSTHVLLSTPALEAVFTDLEILAAIFASAIHDVDHPGVSNQFLINTNSELALMYNDSSVLENHHLAVGFKL
LQEENCDIFQNLTKKQRQSLRKMVIDIVLATDMSKHMNLLADLKTMVETKKVTSSGVLLLDNYSDRIQVLQNMVHCADLS
NPTKPLQLYRQWTDRIMEEFFRQGDRERERGMEISPMCDKHNASVEKSQVGFIDYIVHPLWETWADLVHPDAQDILDTLE
DNREWYQSTIPQSPSPAPDDPEEGRQGQTEKFQFELTLEEDGESDTEKDSGSQVEEDTSCSDSKTLCTQDSESTEIPLDE
QVEEEAVGEEEESQPEACVIDDRSPDT
;
_entity_poly.pdbx_strand_id   A,B
#
# COMPACT_ATOMS: atom_id res chain seq x y z
N GLN A 88 -22.52 12.98 38.62
CA GLN A 88 -22.41 13.06 37.16
C GLN A 88 -21.54 11.92 36.63
N GLU A 89 -20.52 11.54 37.42
CA GLU A 89 -19.79 10.32 37.13
C GLU A 89 -20.62 9.10 37.49
N ASP A 90 -21.59 9.25 38.40
CA ASP A 90 -22.53 8.17 38.70
C ASP A 90 -23.35 7.83 37.46
N VAL A 91 -23.84 8.86 36.76
CA VAL A 91 -24.66 8.66 35.58
C VAL A 91 -23.83 8.04 34.45
N LEU A 92 -22.59 8.52 34.27
CA LEU A 92 -21.71 7.94 33.26
C LEU A 92 -21.49 6.46 33.54
N ALA A 93 -21.16 6.12 34.79
CA ALA A 93 -20.94 4.72 35.15
C ALA A 93 -22.19 3.90 34.86
N LYS A 94 -23.36 4.49 35.10
CA LYS A 94 -24.61 3.80 34.78
C LYS A 94 -24.72 3.54 33.29
N GLU A 95 -24.44 4.54 32.46
CA GLU A 95 -24.53 4.34 31.01
C GLU A 95 -23.53 3.31 30.53
N LEU A 96 -22.35 3.24 31.14
CA LEU A 96 -21.33 2.28 30.73
C LEU A 96 -21.66 0.85 31.11
N GLU A 97 -22.67 0.62 31.96
CA GLU A 97 -23.15 -0.75 32.18
C GLU A 97 -23.78 -1.35 30.92
N ASP A 98 -24.11 -0.53 29.91
CA ASP A 98 -24.69 -1.00 28.66
C ASP A 98 -23.66 -1.38 27.61
N VAL A 99 -22.38 -1.43 27.98
CA VAL A 99 -21.32 -1.59 26.99
C VAL A 99 -21.43 -2.89 26.20
N ASN A 100 -22.13 -3.90 26.72
CA ASN A 100 -22.28 -5.16 26.01
C ASN A 100 -23.51 -5.19 25.11
N LYS A 101 -24.22 -4.09 24.96
CA LYS A 101 -25.50 -4.07 24.26
C LYS A 101 -25.42 -3.25 22.98
N TRP A 102 -26.09 -3.73 21.93
CA TRP A 102 -26.26 -2.97 20.71
C TRP A 102 -27.13 -1.76 20.99
N GLY A 103 -26.74 -0.60 20.49
CA GLY A 103 -27.56 0.57 20.74
C GLY A 103 -27.23 1.31 22.02
N LEU A 104 -26.06 1.05 22.60
CA LEU A 104 -25.51 1.92 23.63
C LEU A 104 -25.73 3.38 23.27
N HIS A 105 -25.98 4.21 24.29
CA HIS A 105 -26.19 5.65 24.09
C HIS A 105 -24.83 6.32 23.95
N VAL A 106 -24.21 6.16 22.78
CA VAL A 106 -22.81 6.58 22.65
C VAL A 106 -22.69 8.11 22.72
N PHE A 107 -23.67 8.85 22.20
CA PHE A 107 -23.57 10.31 22.21
C PHE A 107 -23.76 10.86 23.62
N ARG A 108 -24.63 10.22 24.40
CA ARG A 108 -24.79 10.56 25.81
C ARG A 108 -23.48 10.32 26.56
N ILE A 109 -22.83 9.19 26.28
CA ILE A 109 -21.56 8.88 26.92
C ILE A 109 -20.49 9.89 26.52
N ALA A 110 -20.52 10.36 25.27
CA ALA A 110 -19.57 11.39 24.85
C ALA A 110 -19.75 12.67 25.66
N GLU A 111 -20.99 13.09 25.87
CA GLU A 111 -21.28 14.26 26.69
C GLU A 111 -20.94 14.02 28.16
N LEU A 112 -21.37 12.88 28.72
CA LEU A 112 -21.17 12.62 30.13
C LEU A 112 -19.70 12.46 30.50
N SER A 113 -18.86 12.11 29.54
CA SER A 113 -17.45 11.86 29.79
C SER A 113 -16.57 13.05 29.43
N GLY A 114 -17.18 14.20 29.13
CA GLY A 114 -16.37 15.37 28.80
C GLY A 114 -15.69 15.23 27.46
N ASN A 115 -16.41 14.68 26.47
CA ASN A 115 -15.88 14.41 25.15
C ASN A 115 -14.73 13.42 25.19
N ARG A 116 -14.85 12.42 26.09
CA ARG A 116 -13.92 11.31 26.08
C ARG A 116 -14.61 9.97 25.84
N PRO A 117 -15.54 9.85 24.89
CA PRO A 117 -16.19 8.54 24.70
C PRO A 117 -15.20 7.43 24.35
N LEU A 118 -14.14 7.72 23.58
CA LEU A 118 -13.24 6.64 23.17
C LEU A 118 -12.43 6.12 24.34
N THR A 119 -11.92 7.03 25.18
CA THR A 119 -11.15 6.60 26.35
C THR A 119 -12.00 5.77 27.31
N VAL A 120 -13.19 6.27 27.68
CA VAL A 120 -13.93 5.57 28.73
C VAL A 120 -14.52 4.28 28.20
N ILE A 121 -14.95 4.25 26.93
CA ILE A 121 -15.51 3.01 26.38
C ILE A 121 -14.43 1.97 26.19
N MET A 122 -13.27 2.35 25.66
CA MET A 122 -12.14 1.42 25.55
C MET A 122 -11.70 0.90 26.92
N HIS A 123 -11.51 1.81 27.87
CA HIS A 123 -11.13 1.39 29.21
C HIS A 123 -12.16 0.43 29.80
N THR A 124 -13.45 0.77 29.68
CA THR A 124 -14.49 -0.12 30.17
C THR A 124 -14.41 -1.49 29.52
N ILE A 125 -14.15 -1.54 28.21
CA ILE A 125 -14.11 -2.81 27.49
C ILE A 125 -12.88 -3.62 27.87
N PHE A 126 -11.74 -2.95 28.06
CA PHE A 126 -10.54 -3.70 28.46
C PHE A 126 -10.72 -4.33 29.83
N GLN A 127 -11.34 -3.59 30.77
CA GLN A 127 -11.67 -4.18 32.07
C GLN A 127 -12.63 -5.34 31.92
N GLU A 128 -13.71 -5.13 31.16
CA GLU A 128 -14.73 -6.17 30.97
C GLU A 128 -14.12 -7.46 30.44
N ARG A 129 -13.16 -7.37 29.52
CA ARG A 129 -12.53 -8.54 28.93
C ARG A 129 -11.27 -8.97 29.66
N ASP A 130 -10.94 -8.31 30.78
CA ASP A 130 -9.78 -8.66 31.59
C ASP A 130 -8.48 -8.49 30.82
N LEU A 131 -8.47 -7.59 29.83
CA LEU A 131 -7.33 -7.45 28.93
C LEU A 131 -6.12 -6.85 29.63
N LEU A 132 -6.33 -5.97 30.61
CA LEU A 132 -5.18 -5.38 31.31
C LEU A 132 -4.38 -6.45 32.04
N LYS A 133 -5.08 -7.33 32.78
CA LYS A 133 -4.45 -8.48 33.41
C LYS A 133 -3.78 -9.37 32.39
N THR A 134 -4.52 -9.78 31.35
CA THR A 134 -4.03 -10.76 30.40
C THR A 134 -2.74 -10.30 29.73
N PHE A 135 -2.66 -9.02 29.35
CA PHE A 135 -1.51 -8.53 28.62
C PHE A 135 -0.64 -7.61 29.46
N LYS A 136 -0.87 -7.58 30.77
CA LYS A 136 -0.03 -6.85 31.71
C LYS A 136 0.10 -5.39 31.30
N ILE A 137 -1.05 -4.78 31.01
CA ILE A 137 -1.10 -3.39 30.57
C ILE A 137 -1.25 -2.51 31.80
N PRO A 138 -0.27 -1.65 32.11
CA PRO A 138 -0.47 -0.67 33.20
C PRO A 138 -1.66 0.24 32.89
N VAL A 139 -2.51 0.43 33.90
CA VAL A 139 -3.73 1.20 33.69
C VAL A 139 -3.40 2.64 33.33
N ASP A 140 -2.34 3.21 33.92
CA ASP A 140 -1.95 4.58 33.57
C ASP A 140 -1.45 4.67 32.13
N THR A 141 -0.77 3.63 31.66
CA THR A 141 -0.35 3.57 30.26
C THR A 141 -1.56 3.48 29.33
N LEU A 142 -2.53 2.62 29.67
CA LEU A 142 -3.74 2.55 28.86
C LEU A 142 -4.41 3.92 28.77
N ILE A 143 -4.60 4.58 29.91
CA ILE A 143 -5.32 5.85 29.88
C ILE A 143 -4.51 6.90 29.10
N THR A 144 -3.20 6.92 29.28
CA THR A 144 -2.38 7.90 28.56
C THR A 144 -2.48 7.69 27.07
N TYR A 145 -2.33 6.45 26.60
CA TYR A 145 -2.44 6.21 25.16
C TYR A 145 -3.83 6.57 24.66
N LEU A 146 -4.87 6.11 25.36
CA LEU A 146 -6.24 6.36 24.89
C LEU A 146 -6.50 7.85 24.74
N MET A 147 -6.07 8.65 25.72
CA MET A 147 -6.36 10.07 25.64
C MET A 147 -5.58 10.72 24.51
N THR A 148 -4.34 10.27 24.28
CA THR A 148 -3.57 10.80 23.16
C THR A 148 -4.19 10.37 21.83
N LEU A 149 -4.58 9.10 21.72
CA LEU A 149 -5.25 8.64 20.51
C LEU A 149 -6.52 9.44 20.26
N GLU A 150 -7.32 9.61 21.31
CA GLU A 150 -8.58 10.34 21.18
C GLU A 150 -8.34 11.79 20.79
N ASP A 151 -7.27 12.41 21.32
CA ASP A 151 -6.88 13.76 20.93
C ASP A 151 -6.63 13.88 19.43
N HIS A 152 -6.13 12.82 18.79
CA HIS A 152 -5.78 12.91 17.38
C HIS A 152 -6.95 12.63 16.43
N TYR A 153 -8.15 12.40 16.95
CA TYR A 153 -9.37 12.57 16.18
C TYR A 153 -9.74 14.04 16.17
N HIS A 154 -10.30 14.51 15.07
CA HIS A 154 -10.58 15.93 14.89
C HIS A 154 -11.93 16.24 15.52
N ALA A 155 -11.90 17.03 16.60
CA ALA A 155 -13.11 17.51 17.25
C ALA A 155 -14.01 18.31 16.31
N ASP A 156 -13.46 18.87 15.23
CA ASP A 156 -14.25 19.70 14.33
C ASP A 156 -14.65 18.97 13.05
N VAL A 157 -14.54 17.64 13.03
CA VAL A 157 -15.09 16.84 11.93
C VAL A 157 -16.39 16.22 12.42
N ALA A 158 -17.44 16.31 11.59
CA ALA A 158 -18.80 16.09 12.09
C ALA A 158 -19.08 14.60 12.29
N TYR A 159 -18.55 13.75 11.42
CA TYR A 159 -18.79 12.31 11.53
C TYR A 159 -17.54 11.54 11.93
N HIS A 160 -16.44 11.71 11.19
CA HIS A 160 -15.23 10.91 11.43
C HIS A 160 -14.41 11.46 12.60
N ASN A 161 -15.01 11.42 13.78
CA ASN A 161 -14.40 11.94 14.99
C ASN A 161 -14.27 10.85 16.05
N ASN A 162 -13.95 11.27 17.29
CA ASN A 162 -13.76 10.31 18.38
C ASN A 162 -15.06 9.58 18.74
N ILE A 163 -16.23 10.17 18.48
CA ILE A 163 -17.48 9.46 18.77
C ILE A 163 -17.66 8.28 17.82
N HIS A 164 -17.42 8.50 16.52
CA HIS A 164 -17.42 7.38 15.57
C HIS A 164 -16.45 6.28 15.99
N ALA A 165 -15.24 6.64 16.43
CA ALA A 165 -14.27 5.63 16.86
C ALA A 165 -14.80 4.83 18.03
N ALA A 166 -15.34 5.51 19.04
CA ALA A 166 -15.89 4.84 20.21
C ALA A 166 -17.00 3.87 19.83
N ASP A 167 -17.87 4.30 18.90
CA ASP A 167 -19.02 3.49 18.47
C ASP A 167 -18.58 2.25 17.70
N VAL A 168 -17.59 2.36 16.82
CA VAL A 168 -17.07 1.20 16.09
C VAL A 168 -16.35 0.24 17.04
N VAL A 169 -15.57 0.78 17.98
CA VAL A 169 -14.98 -0.02 19.05
C VAL A 169 -16.06 -0.82 19.76
N GLN A 170 -17.11 -0.14 20.21
CA GLN A 170 -18.13 -0.81 21.01
C GLN A 170 -18.92 -1.82 20.18
N SER A 171 -19.20 -1.49 18.92
CA SER A 171 -19.92 -2.41 18.04
C SER A 171 -19.08 -3.64 17.74
N THR A 172 -17.77 -3.46 17.50
CA THR A 172 -16.90 -4.63 17.38
C THR A 172 -16.90 -5.47 18.65
N HIS A 173 -16.85 -4.81 19.82
CA HIS A 173 -16.86 -5.55 21.08
C HIS A 173 -18.09 -6.46 21.19
N VAL A 174 -19.27 -5.95 20.77
CA VAL A 174 -20.48 -6.76 20.77
C VAL A 174 -20.37 -7.89 19.75
N LEU A 175 -19.98 -7.56 18.51
CA LEU A 175 -19.89 -8.60 17.48
C LEU A 175 -18.93 -9.73 17.91
N LEU A 176 -17.85 -9.40 18.64
CA LEU A 176 -16.90 -10.41 19.09
C LEU A 176 -17.54 -11.42 20.03
N SER A 177 -18.53 -10.99 20.80
CA SER A 177 -19.17 -11.81 21.83
C SER A 177 -20.29 -12.69 21.29
N THR A 178 -20.50 -12.73 19.97
CA THR A 178 -21.66 -13.43 19.44
C THR A 178 -21.52 -14.93 19.71
N PRO A 179 -22.62 -15.61 20.07
CA PRO A 179 -22.52 -17.04 20.43
C PRO A 179 -21.81 -17.90 19.39
N ALA A 180 -22.10 -17.70 18.10
CA ALA A 180 -21.44 -18.46 17.02
C ALA A 180 -19.92 -18.34 17.03
N LEU A 181 -19.35 -17.37 17.77
CA LEU A 181 -17.91 -17.18 17.80
C LEU A 181 -17.27 -17.50 19.15
N GLU A 182 -17.99 -18.15 20.06
CA GLU A 182 -17.44 -18.39 21.38
C GLU A 182 -16.17 -19.22 21.28
N ALA A 183 -15.12 -18.76 21.98
CA ALA A 183 -13.81 -19.41 22.05
C ALA A 183 -13.12 -19.56 20.69
N VAL A 184 -13.58 -18.83 19.66
CA VAL A 184 -12.95 -18.98 18.35
C VAL A 184 -11.64 -18.20 18.29
N PHE A 185 -11.63 -16.99 18.85
CA PHE A 185 -10.52 -16.07 18.67
C PHE A 185 -9.68 -16.03 19.93
N THR A 186 -8.35 -15.97 19.75
CA THR A 186 -7.46 -15.83 20.89
C THR A 186 -7.63 -14.46 21.53
N ASP A 187 -7.12 -14.35 22.76
CA ASP A 187 -7.06 -13.03 23.39
C ASP A 187 -6.30 -12.02 22.53
N LEU A 188 -5.25 -12.47 21.84
CA LEU A 188 -4.47 -11.55 21.01
C LEU A 188 -5.27 -11.06 19.81
N GLU A 189 -6.04 -11.96 19.20
CA GLU A 189 -6.88 -11.58 18.07
C GLU A 189 -8.00 -10.64 18.51
N ILE A 190 -8.58 -10.89 19.68
CA ILE A 190 -9.59 -10.00 20.25
C ILE A 190 -8.98 -8.62 20.48
N LEU A 191 -7.77 -8.58 21.06
CA LEU A 191 -7.08 -7.32 21.28
C LEU A 191 -6.80 -6.61 19.96
N ALA A 192 -6.37 -7.36 18.94
CA ALA A 192 -6.11 -6.76 17.63
C ALA A 192 -7.38 -6.14 17.05
N ALA A 193 -8.50 -6.86 17.10
CA ALA A 193 -9.74 -6.33 16.53
C ALA A 193 -10.20 -5.07 17.25
N ILE A 194 -10.10 -5.07 18.58
CA ILE A 194 -10.55 -3.92 19.35
C ILE A 194 -9.60 -2.74 19.15
N PHE A 195 -8.28 -2.98 19.21
CA PHE A 195 -7.33 -1.91 18.92
C PHE A 195 -7.53 -1.33 17.51
N ALA A 196 -7.64 -2.20 16.50
CA ALA A 196 -7.85 -1.74 15.12
C ALA A 196 -9.09 -0.85 15.02
N SER A 197 -10.18 -1.23 15.67
CA SER A 197 -11.39 -0.40 15.69
C SER A 197 -11.12 0.96 16.31
N ALA A 198 -10.34 1.00 17.39
CA ALA A 198 -10.08 2.26 18.08
C ALA A 198 -9.30 3.24 17.20
N ILE A 199 -8.32 2.75 16.44
CA ILE A 199 -7.47 3.62 15.64
C ILE A 199 -7.96 3.81 14.19
N HIS A 200 -9.05 3.14 13.80
CA HIS A 200 -9.26 2.89 12.37
C HIS A 200 -9.54 4.14 11.57
N ASP A 201 -9.86 5.27 12.21
CA ASP A 201 -10.09 6.53 11.50
C ASP A 201 -9.32 7.69 12.12
N VAL A 202 -8.25 7.43 12.87
CA VAL A 202 -7.60 8.51 13.62
C VAL A 202 -7.02 9.54 12.67
N ASP A 203 -7.15 10.81 13.04
CA ASP A 203 -6.64 11.92 12.23
C ASP A 203 -7.34 12.03 10.89
N HIS A 204 -8.58 11.54 10.81
CA HIS A 204 -9.33 11.66 9.57
C HIS A 204 -9.64 13.15 9.34
N PRO A 205 -9.37 13.69 8.15
CA PRO A 205 -9.60 15.11 7.92
C PRO A 205 -11.01 15.49 7.48
N GLY A 206 -11.93 14.54 7.34
CA GLY A 206 -13.28 14.88 6.96
C GLY A 206 -13.52 14.94 5.47
N VAL A 207 -12.59 14.43 4.66
CA VAL A 207 -12.76 14.33 3.22
C VAL A 207 -12.32 12.94 2.79
N SER A 208 -12.89 12.46 1.68
CA SER A 208 -12.73 11.10 1.17
C SER A 208 -11.34 10.86 0.55
N ASN A 209 -11.02 9.58 0.36
CA ASN A 209 -9.81 9.24 -0.38
C ASN A 209 -9.79 9.89 -1.77
N GLN A 210 -10.92 9.84 -2.46
CA GLN A 210 -10.99 10.39 -3.82
C GLN A 210 -10.71 11.89 -3.82
N PHE A 211 -11.28 12.62 -2.86
CA PHE A 211 -10.99 14.05 -2.75
C PHE A 211 -9.51 14.28 -2.55
N LEU A 212 -8.89 13.48 -1.67
CA LEU A 212 -7.46 13.64 -1.42
C LEU A 212 -6.64 13.35 -2.68
N ILE A 213 -7.07 12.37 -3.48
CA ILE A 213 -6.38 12.08 -4.74
C ILE A 213 -6.56 13.21 -5.75
N ASN A 214 -7.80 13.67 -5.92
CA ASN A 214 -8.12 14.67 -6.93
C ASN A 214 -7.52 16.03 -6.61
N THR A 215 -7.28 16.33 -5.34
CA THR A 215 -6.70 17.62 -4.96
C THR A 215 -5.19 17.56 -4.80
N ASN A 216 -4.56 16.47 -5.23
CA ASN A 216 -3.10 16.31 -5.14
C ASN A 216 -2.60 16.65 -3.72
N SER A 217 -3.29 16.09 -2.72
CA SER A 217 -2.94 16.31 -1.32
C SER A 217 -1.58 15.69 -0.99
N GLU A 218 -0.99 16.16 0.12
CA GLU A 218 0.23 15.53 0.63
C GLU A 218 -0.02 14.07 1.06
N LEU A 219 -1.19 13.79 1.64
CA LEU A 219 -1.50 12.40 2.02
C LEU A 219 -1.51 11.48 0.81
N ALA A 220 -2.16 11.90 -0.29
CA ALA A 220 -2.23 11.02 -1.45
C ALA A 220 -0.86 10.88 -2.11
N LEU A 221 -0.05 11.93 -2.02
CA LEU A 221 1.32 11.87 -2.54
C LEU A 221 2.19 10.94 -1.68
N MET A 222 1.95 10.91 -0.36
CA MET A 222 2.72 10.02 0.49
C MET A 222 2.37 8.56 0.21
N TYR A 223 1.11 8.30 -0.09
CA TYR A 223 0.60 6.93 -0.13
C TYR A 223 0.25 6.48 -1.54
N ASN A 224 0.66 7.23 -2.57
CA ASN A 224 0.55 6.79 -3.96
C ASN A 224 -0.88 6.40 -4.33
N ASP A 225 -1.83 7.19 -3.83
CA ASP A 225 -3.25 7.13 -4.15
C ASP A 225 -3.93 5.84 -3.72
N SER A 226 -3.29 5.03 -2.86
CA SER A 226 -3.76 3.68 -2.56
C SER A 226 -4.10 3.58 -1.08
N SER A 227 -5.37 3.34 -0.75
CA SER A 227 -5.85 3.34 0.64
C SER A 227 -5.23 4.49 1.44
N VAL A 228 -5.35 5.71 0.90
CA VAL A 228 -4.58 6.85 1.43
C VAL A 228 -4.90 7.09 2.89
N LEU A 229 -6.18 7.22 3.23
CA LEU A 229 -6.56 7.47 4.61
C LEU A 229 -6.25 6.28 5.50
N GLU A 230 -6.59 5.07 5.03
CA GLU A 230 -6.47 3.91 5.91
C GLU A 230 -5.00 3.64 6.27
N ASN A 231 -4.07 3.84 5.33
CA ASN A 231 -2.64 3.78 5.65
C ASN A 231 -2.28 4.82 6.69
N HIS A 232 -2.82 6.02 6.55
CA HIS A 232 -2.51 7.09 7.48
C HIS A 232 -3.05 6.78 8.87
N HIS A 233 -4.28 6.28 8.98
CA HIS A 233 -4.83 5.94 10.29
C HIS A 233 -3.94 4.93 11.01
N LEU A 234 -3.50 3.90 10.29
CA LEU A 234 -2.55 2.94 10.83
C LEU A 234 -1.27 3.62 11.29
N ALA A 235 -0.61 4.39 10.41
CA ALA A 235 0.66 5.03 10.76
C ALA A 235 0.53 5.88 12.02
N VAL A 236 -0.52 6.70 12.12
CA VAL A 236 -0.74 7.53 13.31
C VAL A 236 -1.01 6.66 14.53
N GLY A 237 -1.91 5.68 14.38
CA GLY A 237 -2.28 4.84 15.53
C GLY A 237 -1.09 4.10 16.13
N PHE A 238 -0.21 3.56 15.28
CA PHE A 238 0.99 2.89 15.79
C PHE A 238 2.01 3.90 16.34
N LYS A 239 2.20 5.04 15.65
CA LYS A 239 3.19 6.02 16.07
C LYS A 239 2.93 6.52 17.49
N LEU A 240 1.67 6.73 17.83
CA LEU A 240 1.33 7.27 19.14
C LEU A 240 1.72 6.31 20.26
N LEU A 241 1.84 5.01 19.97
CA LEU A 241 2.33 4.08 20.97
C LEU A 241 3.73 4.44 21.48
N GLN A 242 4.47 5.24 20.73
CA GLN A 242 5.85 5.57 21.07
C GLN A 242 5.98 6.85 21.87
N GLU A 243 4.87 7.55 22.14
CA GLU A 243 4.91 8.72 23.00
C GLU A 243 5.10 8.30 24.47
N GLU A 244 5.36 9.29 25.30
CA GLU A 244 5.75 9.04 26.69
C GLU A 244 4.66 8.29 27.44
N ASN A 245 5.00 7.10 27.97
CA ASN A 245 4.08 6.27 28.74
C ASN A 245 2.83 5.89 27.93
N CYS A 246 3.04 5.58 26.64
CA CYS A 246 1.93 5.23 25.77
C CYS A 246 2.00 3.82 25.21
N ASP A 247 3.08 3.06 25.45
CA ASP A 247 3.17 1.74 24.82
C ASP A 247 2.36 0.73 25.62
N ILE A 248 1.08 0.60 25.25
CA ILE A 248 0.18 -0.34 25.92
C ILE A 248 0.56 -1.78 25.62
N PHE A 249 1.38 -2.02 24.60
CA PHE A 249 1.84 -3.38 24.29
C PHE A 249 3.24 -3.67 24.83
N GLN A 250 3.70 -2.88 25.82
CA GLN A 250 5.08 -3.02 26.30
C GLN A 250 5.38 -4.38 26.89
N ASN A 251 4.38 -5.14 27.34
CA ASN A 251 4.63 -6.42 27.97
C ASN A 251 4.21 -7.61 27.11
N LEU A 252 3.87 -7.40 25.85
CA LEU A 252 3.68 -8.53 24.95
C LEU A 252 5.05 -9.08 24.57
N THR A 253 5.08 -10.37 24.23
CA THR A 253 6.30 -10.93 23.64
C THR A 253 6.55 -10.32 22.26
N LYS A 254 7.77 -10.50 21.75
CA LYS A 254 8.10 -10.03 20.41
C LYS A 254 7.19 -10.66 19.37
N LYS A 255 6.98 -11.98 19.49
CA LYS A 255 6.10 -12.67 18.56
C LYS A 255 4.67 -12.15 18.66
N GLN A 256 4.21 -11.82 19.88
CA GLN A 256 2.85 -11.29 20.04
C GLN A 256 2.72 -9.92 19.38
N ARG A 257 3.69 -9.04 19.61
CA ARG A 257 3.64 -7.71 19.01
C ARG A 257 3.63 -7.82 17.49
N GLN A 258 4.52 -8.66 16.95
CA GLN A 258 4.61 -8.83 15.51
C GLN A 258 3.30 -9.34 14.93
N SER A 259 2.70 -10.34 15.59
CA SER A 259 1.42 -10.87 15.12
C SER A 259 0.29 -9.84 15.28
N LEU A 260 0.26 -9.10 16.39
CA LEU A 260 -0.78 -8.09 16.56
C LEU A 260 -0.65 -7.00 15.50
N ARG A 261 0.57 -6.50 15.29
CA ARG A 261 0.77 -5.46 14.28
C ARG A 261 0.25 -5.89 12.91
N LYS A 262 0.55 -7.12 12.50
CA LYS A 262 0.13 -7.55 11.16
C LYS A 262 -1.39 -7.65 11.08
N MET A 263 -2.05 -8.22 12.10
CA MET A 263 -3.50 -8.34 12.07
C MET A 263 -4.16 -6.97 12.04
N VAL A 264 -3.68 -6.04 12.87
CA VAL A 264 -4.25 -4.70 12.91
C VAL A 264 -4.15 -4.03 11.55
N ILE A 265 -2.98 -4.14 10.90
CA ILE A 265 -2.82 -3.58 9.55
C ILE A 265 -3.82 -4.21 8.58
N ASP A 266 -3.89 -5.55 8.56
CA ASP A 266 -4.81 -6.27 7.70
C ASP A 266 -6.25 -5.81 7.92
N ILE A 267 -6.62 -5.57 9.20
CA ILE A 267 -7.99 -5.17 9.51
C ILE A 267 -8.27 -3.74 9.06
N VAL A 268 -7.42 -2.78 9.44
CA VAL A 268 -7.74 -1.39 9.10
C VAL A 268 -7.69 -1.17 7.58
N LEU A 269 -6.75 -1.81 6.89
CA LEU A 269 -6.72 -1.64 5.44
C LEU A 269 -8.02 -2.14 4.80
N ALA A 270 -8.68 -3.13 5.41
CA ALA A 270 -9.94 -3.65 4.90
C ALA A 270 -11.12 -2.70 5.10
N THR A 271 -10.96 -1.58 5.85
CA THR A 271 -12.04 -0.62 5.97
C THR A 271 -12.11 0.34 4.78
N ASP A 272 -11.15 0.28 3.89
CA ASP A 272 -11.19 1.06 2.65
C ASP A 272 -12.43 0.66 1.84
N MET A 273 -13.33 1.62 1.60
CA MET A 273 -14.59 1.29 0.95
C MET A 273 -14.40 0.75 -0.45
N SER A 274 -13.29 1.07 -1.11
CA SER A 274 -13.07 0.49 -2.44
C SER A 274 -12.79 -1.01 -2.38
N LYS A 275 -12.58 -1.57 -1.19
CA LYS A 275 -12.38 -3.00 -1.04
C LYS A 275 -13.64 -3.76 -0.66
N HIS A 276 -14.76 -3.06 -0.47
CA HIS A 276 -15.95 -3.69 0.07
C HIS A 276 -16.46 -4.84 -0.80
N MET A 277 -16.54 -4.64 -2.11
CA MET A 277 -17.11 -5.67 -2.99
C MET A 277 -16.30 -6.96 -2.90
N ASN A 278 -14.97 -6.86 -2.99
CA ASN A 278 -14.14 -8.06 -2.90
C ASN A 278 -14.23 -8.68 -1.51
N LEU A 279 -14.25 -7.84 -0.47
CA LEU A 279 -14.43 -8.35 0.88
C LEU A 279 -15.75 -9.09 1.03
N LEU A 280 -16.85 -8.49 0.53
CA LEU A 280 -18.15 -9.17 0.65
C LEU A 280 -18.19 -10.45 -0.18
N ALA A 281 -17.64 -10.42 -1.39
CA ALA A 281 -17.58 -11.61 -2.23
C ALA A 281 -16.91 -12.76 -1.49
N ASP A 282 -15.88 -12.45 -0.70
CA ASP A 282 -15.15 -13.47 0.04
C ASP A 282 -15.95 -13.97 1.24
N LEU A 283 -16.63 -13.05 1.93
CA LEU A 283 -17.49 -13.44 3.03
C LEU A 283 -18.59 -14.38 2.56
N LYS A 284 -19.20 -14.07 1.41
CA LYS A 284 -20.23 -14.95 0.85
C LYS A 284 -19.69 -16.34 0.57
N THR A 285 -18.53 -16.44 -0.06
CA THR A 285 -17.92 -17.75 -0.28
C THR A 285 -17.75 -18.51 1.03
N MET A 286 -17.30 -17.83 2.09
CA MET A 286 -17.15 -18.48 3.37
C MET A 286 -18.48 -18.96 3.93
N VAL A 287 -19.53 -18.14 3.83
CA VAL A 287 -20.83 -18.57 4.32
C VAL A 287 -21.30 -19.82 3.59
N GLU A 288 -21.12 -19.84 2.27
CA GLU A 288 -21.59 -20.97 1.45
C GLU A 288 -20.82 -22.27 1.76
N THR A 289 -19.58 -22.16 2.24
CA THR A 289 -18.76 -23.32 2.55
C THR A 289 -18.49 -23.42 4.05
N LYS A 290 -19.31 -22.76 4.85
CA LYS A 290 -19.16 -22.65 6.30
C LYS A 290 -19.07 -24.01 6.96
N LYS A 291 -18.10 -24.15 7.86
CA LYS A 291 -17.95 -25.32 8.72
C LYS A 291 -18.11 -24.92 10.18
N VAL A 292 -18.87 -25.73 10.93
CA VAL A 292 -19.03 -25.50 12.37
C VAL A 292 -18.49 -26.70 13.13
N THR A 293 -18.14 -26.46 14.40
CA THR A 293 -17.60 -27.49 15.26
C THR A 293 -18.73 -28.34 15.86
N SER A 294 -18.33 -29.37 16.62
CA SER A 294 -19.29 -30.23 17.31
C SER A 294 -20.20 -29.45 18.25
N SER A 295 -19.78 -28.26 18.69
CA SER A 295 -20.58 -27.41 19.57
C SER A 295 -21.38 -26.35 18.82
N GLY A 296 -21.36 -26.34 17.48
CA GLY A 296 -22.13 -25.39 16.71
C GLY A 296 -21.45 -24.06 16.45
N VAL A 297 -20.27 -23.86 17.04
CA VAL A 297 -19.48 -22.65 16.88
C VAL A 297 -18.72 -22.70 15.56
N LEU A 298 -18.51 -21.52 14.97
CA LEU A 298 -17.83 -21.42 13.69
C LEU A 298 -16.41 -22.01 13.76
N LEU A 299 -16.00 -22.69 12.70
CA LEU A 299 -14.72 -23.38 12.67
C LEU A 299 -13.79 -22.70 11.67
N LEU A 300 -12.65 -22.19 12.16
CA LEU A 300 -11.71 -21.41 11.36
C LEU A 300 -10.33 -22.06 11.43
N ASP A 301 -9.87 -22.60 10.31
CA ASP A 301 -8.73 -23.52 10.26
C ASP A 301 -7.39 -22.82 10.18
N ASN A 302 -7.36 -21.55 9.80
CA ASN A 302 -6.16 -20.96 9.23
C ASN A 302 -6.26 -19.45 9.33
N TYR A 303 -5.12 -18.79 9.17
CA TYR A 303 -5.07 -17.34 9.34
C TYR A 303 -5.96 -16.65 8.33
N SER A 304 -5.85 -17.05 7.07
CA SER A 304 -6.64 -16.47 6.01
C SER A 304 -8.12 -16.39 6.36
N ASP A 305 -8.69 -17.47 6.93
CA ASP A 305 -10.11 -17.43 7.32
C ASP A 305 -10.33 -16.60 8.57
N ARG A 306 -9.40 -16.67 9.53
CA ARG A 306 -9.59 -15.94 10.77
C ARG A 306 -9.51 -14.43 10.53
N ILE A 307 -8.54 -14.00 9.73
CA ILE A 307 -8.38 -12.56 9.51
C ILE A 307 -9.52 -12.04 8.67
N GLN A 308 -9.98 -12.85 7.71
CA GLN A 308 -11.09 -12.43 6.87
C GLN A 308 -12.35 -12.19 7.69
N VAL A 309 -12.60 -13.05 8.67
CA VAL A 309 -13.74 -12.84 9.55
C VAL A 309 -13.58 -11.56 10.37
N LEU A 310 -12.39 -11.34 10.94
CA LEU A 310 -12.18 -10.11 11.70
C LEU A 310 -12.21 -8.86 10.81
N GLN A 311 -11.75 -8.99 9.56
CA GLN A 311 -11.83 -7.85 8.65
C GLN A 311 -13.27 -7.47 8.39
N ASN A 312 -14.11 -8.46 8.07
CA ASN A 312 -15.52 -8.18 7.84
C ASN A 312 -16.24 -7.76 9.11
N MET A 313 -15.77 -8.23 10.26
CA MET A 313 -16.40 -7.86 11.52
C MET A 313 -16.25 -6.36 11.77
N VAL A 314 -15.02 -5.85 11.67
CA VAL A 314 -14.79 -4.42 11.88
C VAL A 314 -15.44 -3.59 10.77
N HIS A 315 -15.43 -4.10 9.53
CA HIS A 315 -16.13 -3.44 8.42
C HIS A 315 -17.64 -3.34 8.68
N CYS A 316 -18.22 -4.40 9.27
CA CYS A 316 -19.65 -4.34 9.65
C CYS A 316 -19.86 -3.32 10.75
N ALA A 317 -18.96 -3.31 11.76
CA ALA A 317 -19.08 -2.31 12.82
C ALA A 317 -18.96 -0.90 12.25
N ASP A 318 -18.07 -0.73 11.27
CA ASP A 318 -17.92 0.56 10.60
C ASP A 318 -19.18 0.97 9.87
N LEU A 319 -19.88 0.00 9.28
CA LEU A 319 -21.12 0.24 8.57
C LEU A 319 -22.33 -0.17 9.40
N SER A 320 -22.29 0.04 10.72
CA SER A 320 -23.37 -0.42 11.59
C SER A 320 -24.40 0.65 11.91
N ASN A 321 -24.20 1.92 11.52
CA ASN A 321 -25.17 2.94 11.87
C ASN A 321 -26.60 2.57 11.49
N PRO A 322 -26.90 2.13 10.25
CA PRO A 322 -28.30 1.85 9.90
C PRO A 322 -28.89 0.64 10.62
N THR A 323 -28.09 -0.11 11.36
CA THR A 323 -28.62 -1.21 12.16
C THR A 323 -28.97 -0.79 13.58
N LYS A 324 -28.64 0.44 13.97
CA LYS A 324 -28.84 0.90 15.33
C LYS A 324 -30.24 1.45 15.50
N PRO A 325 -30.75 1.52 16.73
CA PRO A 325 -32.04 2.19 16.99
C PRO A 325 -32.11 3.53 16.28
N LEU A 326 -33.32 3.89 15.80
CA LEU A 326 -33.45 4.95 14.81
C LEU A 326 -32.96 6.30 15.33
N GLN A 327 -33.17 6.59 16.63
CA GLN A 327 -32.66 7.87 17.14
C GLN A 327 -31.13 7.94 17.03
N LEU A 328 -30.43 6.80 17.16
CA LEU A 328 -28.99 6.81 16.96
C LEU A 328 -28.64 7.00 15.48
N TYR A 329 -29.27 6.18 14.63
CA TYR A 329 -29.02 6.21 13.18
C TYR A 329 -29.24 7.60 12.61
N ARG A 330 -30.35 8.26 12.98
CA ARG A 330 -30.63 9.56 12.37
C ARG A 330 -29.55 10.59 12.72
N GLN A 331 -29.00 10.52 13.92
CA GLN A 331 -27.92 11.45 14.27
C GLN A 331 -26.64 11.12 13.49
N TRP A 332 -26.37 9.83 13.23
CA TRP A 332 -25.23 9.52 12.36
C TRP A 332 -25.46 10.06 10.95
N THR A 333 -26.71 10.04 10.48
CA THR A 333 -26.98 10.54 9.13
C THR A 333 -26.81 12.06 9.07
N ASP A 334 -27.34 12.78 10.06
CA ASP A 334 -27.08 14.23 10.15
C ASP A 334 -25.59 14.52 10.05
N ARG A 335 -24.76 13.72 10.73
CA ARG A 335 -23.34 14.05 10.80
C ARG A 335 -22.62 13.74 9.50
N ILE A 336 -22.88 12.57 8.89
CA ILE A 336 -22.21 12.30 7.61
C ILE A 336 -22.64 13.32 6.57
N MET A 337 -23.89 13.78 6.63
CA MET A 337 -24.37 14.72 5.61
C MET A 337 -23.70 16.08 5.78
N GLU A 338 -23.57 16.53 7.03
CA GLU A 338 -22.81 17.75 7.30
C GLU A 338 -21.38 17.62 6.78
N GLU A 339 -20.72 16.49 7.07
CA GLU A 339 -19.33 16.30 6.64
C GLU A 339 -19.22 16.25 5.11
N PHE A 340 -20.10 15.49 4.45
CA PHE A 340 -20.13 15.44 2.98
C PHE A 340 -20.37 16.83 2.39
N PHE A 341 -21.29 17.61 2.97
CA PHE A 341 -21.61 18.93 2.43
C PHE A 341 -20.40 19.86 2.48
N ARG A 342 -19.63 19.80 3.56
CA ARG A 342 -18.43 20.60 3.66
C ARG A 342 -17.40 20.25 2.59
N GLN A 343 -17.26 18.96 2.28
CA GLN A 343 -16.36 18.59 1.18
C GLN A 343 -16.88 19.11 -0.15
N GLY A 344 -18.20 19.01 -0.37
CA GLY A 344 -18.78 19.53 -1.60
C GLY A 344 -18.64 21.04 -1.74
N ASP A 345 -18.69 21.76 -0.61
CA ASP A 345 -18.39 23.19 -0.64
C ASP A 345 -16.96 23.41 -1.14
N ARG A 346 -15.99 22.72 -0.52
CA ARG A 346 -14.60 22.80 -0.99
C ARG A 346 -14.48 22.39 -2.46
N GLU A 347 -15.26 21.40 -2.89
CA GLU A 347 -15.26 21.03 -4.30
C GLU A 347 -15.85 22.14 -5.16
N ARG A 348 -16.88 22.83 -4.63
CA ARG A 348 -17.41 24.02 -5.31
C ARG A 348 -16.37 25.13 -5.33
N GLU A 349 -15.75 25.41 -4.17
CA GLU A 349 -14.74 26.45 -4.06
C GLU A 349 -13.57 26.27 -5.02
N ARG A 350 -13.42 25.09 -5.64
CA ARG A 350 -12.32 24.81 -6.55
C ARG A 350 -12.78 24.58 -7.98
N GLY A 351 -14.07 24.73 -8.26
CA GLY A 351 -14.52 24.44 -9.61
C GLY A 351 -14.49 22.98 -9.97
N MET A 352 -14.34 22.10 -8.98
CA MET A 352 -14.44 20.67 -9.25
C MET A 352 -15.89 20.24 -9.36
N GLU A 353 -16.11 19.14 -10.07
CA GLU A 353 -17.41 18.47 -10.02
C GLU A 353 -17.69 18.00 -8.59
N ILE A 354 -18.89 18.27 -8.10
CA ILE A 354 -19.23 17.93 -6.72
C ILE A 354 -19.54 16.44 -6.62
N SER A 355 -18.97 15.79 -5.60
CA SER A 355 -19.10 14.34 -5.49
C SER A 355 -20.53 13.95 -5.14
N PRO A 356 -20.94 12.72 -5.50
CA PRO A 356 -22.24 12.19 -5.05
C PRO A 356 -22.49 12.48 -3.58
N MET A 357 -23.68 13.01 -3.26
CA MET A 357 -24.17 13.30 -1.90
C MET A 357 -23.50 14.50 -1.26
N CYS A 358 -22.61 15.20 -1.96
CA CYS A 358 -21.90 16.31 -1.33
C CYS A 358 -22.49 17.68 -1.66
N ASP A 359 -23.51 17.75 -2.51
CA ASP A 359 -24.06 19.05 -2.95
C ASP A 359 -25.26 19.41 -2.08
N LYS A 360 -25.06 20.30 -1.12
CA LYS A 360 -26.13 20.74 -0.24
C LYS A 360 -27.26 21.45 -0.98
N HIS A 361 -27.07 21.79 -2.27
CA HIS A 361 -28.14 22.38 -3.07
C HIS A 361 -28.91 21.36 -3.88
N ASN A 362 -28.36 20.16 -4.07
CA ASN A 362 -29.02 19.12 -4.84
C ASN A 362 -28.83 17.80 -4.07
N ALA A 363 -29.28 17.80 -2.82
CA ALA A 363 -29.17 16.65 -1.94
C ALA A 363 -30.48 15.88 -1.92
N SER A 364 -30.38 14.57 -1.71
CA SER A 364 -31.54 13.71 -1.42
C SER A 364 -31.09 12.76 -0.29
N VAL A 365 -31.13 13.28 0.94
CA VAL A 365 -30.58 12.55 2.09
C VAL A 365 -31.28 11.21 2.25
N GLU A 366 -32.61 11.20 2.17
CA GLU A 366 -33.36 9.96 2.39
C GLU A 366 -33.09 8.95 1.28
N LYS A 367 -33.12 9.39 0.01
CA LYS A 367 -32.84 8.47 -1.09
C LYS A 367 -31.44 7.88 -0.99
N SER A 368 -30.47 8.69 -0.56
CA SER A 368 -29.11 8.20 -0.44
C SER A 368 -28.96 7.14 0.65
N GLN A 369 -29.65 7.32 1.80
CA GLN A 369 -29.59 6.29 2.83
C GLN A 369 -30.27 4.99 2.36
N VAL A 370 -31.42 5.10 1.70
CA VAL A 370 -32.05 3.89 1.16
C VAL A 370 -31.14 3.23 0.13
N GLY A 371 -30.51 4.02 -0.73
CA GLY A 371 -29.58 3.46 -1.70
C GLY A 371 -28.40 2.75 -1.04
N PHE A 372 -27.79 3.41 -0.05
CA PHE A 372 -26.64 2.83 0.64
C PHE A 372 -27.00 1.54 1.36
N ILE A 373 -28.21 1.46 1.93
CA ILE A 373 -28.61 0.24 2.60
C ILE A 373 -28.80 -0.88 1.58
N ASP A 374 -29.50 -0.58 0.48
CA ASP A 374 -29.87 -1.61 -0.49
C ASP A 374 -28.66 -2.16 -1.22
N TYR A 375 -27.70 -1.30 -1.59
CA TYR A 375 -26.59 -1.76 -2.40
C TYR A 375 -25.35 -2.16 -1.57
N ILE A 376 -25.25 -1.70 -0.32
CA ILE A 376 -24.02 -1.92 0.45
C ILE A 376 -24.34 -2.55 1.81
N VAL A 377 -25.13 -1.84 2.63
CA VAL A 377 -25.21 -2.19 4.05
C VAL A 377 -26.01 -3.48 4.25
N HIS A 378 -27.18 -3.60 3.63
CA HIS A 378 -27.95 -4.83 3.80
C HIS A 378 -27.27 -6.03 3.16
N PRO A 379 -26.76 -5.98 1.92
CA PRO A 379 -25.99 -7.14 1.41
C PRO A 379 -24.89 -7.58 2.37
N LEU A 380 -24.18 -6.63 2.98
CA LEU A 380 -23.14 -6.98 3.94
C LEU A 380 -23.74 -7.63 5.20
N TRP A 381 -24.72 -6.97 5.83
CA TRP A 381 -25.23 -7.44 7.11
C TRP A 381 -26.04 -8.72 6.97
N GLU A 382 -26.67 -8.94 5.82
CA GLU A 382 -27.40 -10.18 5.57
C GLU A 382 -26.43 -11.35 5.43
N THR A 383 -25.26 -11.09 4.85
CA THR A 383 -24.25 -12.14 4.76
C THR A 383 -23.62 -12.40 6.11
N TRP A 384 -23.36 -11.35 6.90
CA TRP A 384 -22.86 -11.56 8.26
C TRP A 384 -23.87 -12.34 9.09
N ALA A 385 -25.14 -11.96 9.02
CA ALA A 385 -26.19 -12.66 9.74
C ALA A 385 -26.19 -14.15 9.42
N ASP A 386 -25.99 -14.51 8.13
CA ASP A 386 -25.89 -15.91 7.74
C ASP A 386 -24.71 -16.61 8.39
N LEU A 387 -23.54 -15.93 8.43
CA LEU A 387 -22.36 -16.53 9.04
C LEU A 387 -22.59 -16.89 10.50
N VAL A 388 -23.33 -16.08 11.24
CA VAL A 388 -23.51 -16.28 12.67
C VAL A 388 -24.95 -16.66 13.00
N HIS A 389 -25.71 -17.15 12.02
CA HIS A 389 -27.14 -17.41 12.18
C HIS A 389 -27.44 -18.32 13.37
N PRO A 390 -28.38 -17.92 14.25
CA PRO A 390 -29.27 -16.76 14.14
C PRO A 390 -28.91 -15.59 15.06
N ASP A 391 -27.64 -15.48 15.45
CA ASP A 391 -27.22 -14.50 16.46
C ASP A 391 -27.63 -13.07 16.10
N ALA A 392 -27.54 -12.71 14.82
CA ALA A 392 -27.69 -11.33 14.42
C ALA A 392 -29.10 -10.99 13.90
N GLN A 393 -30.09 -11.82 14.21
CA GLN A 393 -31.42 -11.61 13.64
C GLN A 393 -32.02 -10.26 14.04
N ASP A 394 -31.86 -9.86 15.31
CA ASP A 394 -32.42 -8.60 15.77
C ASP A 394 -31.75 -7.41 15.10
N ILE A 395 -30.42 -7.47 14.94
CA ILE A 395 -29.70 -6.41 14.25
C ILE A 395 -30.21 -6.30 12.81
N LEU A 396 -30.37 -7.43 12.13
CA LEU A 396 -30.84 -7.38 10.74
C LEU A 396 -32.29 -6.87 10.68
N ASP A 397 -33.13 -7.24 11.66
CA ASP A 397 -34.51 -6.75 11.66
C ASP A 397 -34.55 -5.23 11.85
N THR A 398 -33.66 -4.70 12.69
CA THR A 398 -33.63 -3.25 12.86
C THR A 398 -33.20 -2.58 11.57
N LEU A 399 -32.16 -3.11 10.91
CA LEU A 399 -31.73 -2.55 9.63
C LEU A 399 -32.90 -2.51 8.65
N GLU A 400 -33.66 -3.60 8.56
CA GLU A 400 -34.77 -3.64 7.62
C GLU A 400 -35.88 -2.65 7.99
N ASP A 401 -36.17 -2.48 9.28
CA ASP A 401 -37.13 -1.46 9.71
C ASP A 401 -36.63 -0.05 9.38
N ASN A 402 -35.34 0.22 9.63
CA ASN A 402 -34.81 1.55 9.38
C ASN A 402 -34.86 1.89 7.90
N ARG A 403 -34.59 0.89 7.04
CA ARG A 403 -34.72 1.09 5.60
C ARG A 403 -36.17 1.41 5.23
N GLU A 404 -37.10 0.66 5.81
CA GLU A 404 -38.51 0.92 5.57
C GLU A 404 -38.87 2.35 6.00
N TRP A 405 -38.38 2.77 7.16
CA TRP A 405 -38.69 4.11 7.66
C TRP A 405 -38.14 5.18 6.73
N TYR A 406 -36.85 5.11 6.39
CA TYR A 406 -36.30 6.12 5.48
C TYR A 406 -37.05 6.11 4.14
N GLN A 407 -37.32 4.93 3.60
CA GLN A 407 -38.10 4.81 2.37
C GLN A 407 -39.45 5.51 2.49
N SER A 408 -40.14 5.32 3.63
CA SER A 408 -41.46 5.92 3.82
C SER A 408 -41.43 7.45 3.77
N THR A 409 -40.28 8.06 4.02
CA THR A 409 -40.19 9.51 4.03
C THR A 409 -39.88 10.08 2.65
N ILE A 410 -40.03 9.29 1.60
CA ILE A 410 -39.79 9.79 0.25
C ILE A 410 -41.12 9.97 -0.46
N GLN B 88 35.56 13.66 -20.16
CA GLN B 88 35.37 14.99 -20.73
C GLN B 88 34.37 14.97 -21.90
N GLU B 89 33.92 16.17 -22.29
CA GLU B 89 32.71 16.31 -23.09
C GLU B 89 32.72 15.41 -24.32
N ASP B 90 33.84 15.34 -25.01
CA ASP B 90 33.85 14.74 -26.34
C ASP B 90 33.71 13.23 -26.28
N VAL B 91 34.46 12.57 -25.39
CA VAL B 91 34.36 11.11 -25.30
C VAL B 91 33.02 10.69 -24.69
N LEU B 92 32.49 11.47 -23.75
CA LEU B 92 31.16 11.20 -23.21
C LEU B 92 30.15 11.04 -24.34
N ALA B 93 30.16 11.97 -25.30
CA ALA B 93 29.22 11.92 -26.42
C ALA B 93 29.40 10.65 -27.24
N LYS B 94 30.63 10.17 -27.37
CA LYS B 94 30.87 8.96 -28.16
C LYS B 94 30.35 7.72 -27.43
N GLU B 95 30.51 7.65 -26.11
CA GLU B 95 29.97 6.52 -25.36
C GLU B 95 28.44 6.48 -25.45
N LEU B 96 27.81 7.66 -25.40
CA LEU B 96 26.35 7.73 -25.45
C LEU B 96 25.79 7.18 -26.76
N GLU B 97 26.60 7.12 -27.82
CA GLU B 97 26.17 6.56 -29.09
C GLU B 97 25.79 5.09 -28.97
N ASP B 98 26.10 4.43 -27.86
CA ASP B 98 25.68 3.06 -27.60
C ASP B 98 24.38 2.99 -26.80
N VAL B 99 23.64 4.09 -26.67
CA VAL B 99 22.46 4.12 -25.81
C VAL B 99 21.40 3.10 -26.20
N ASN B 100 21.41 2.61 -27.44
CA ASN B 100 20.43 1.60 -27.84
C ASN B 100 20.96 0.17 -27.71
N LYS B 101 22.14 -0.01 -27.14
CA LYS B 101 22.78 -1.32 -27.09
C LYS B 101 22.81 -1.86 -25.66
N TRP B 102 22.41 -3.13 -25.52
CA TRP B 102 22.59 -3.86 -24.28
C TRP B 102 24.06 -3.95 -23.94
N GLY B 103 24.45 -3.42 -22.79
CA GLY B 103 25.84 -3.42 -22.41
C GLY B 103 26.54 -2.10 -22.55
N LEU B 104 25.80 -1.01 -22.61
CA LEU B 104 26.36 0.33 -22.51
C LEU B 104 27.36 0.39 -21.36
N HIS B 105 28.43 1.16 -21.56
CA HIS B 105 29.49 1.32 -20.56
C HIS B 105 29.07 2.37 -19.55
N VAL B 106 28.14 1.97 -18.67
CA VAL B 106 27.49 2.95 -17.80
C VAL B 106 28.44 3.47 -16.72
N PHE B 107 29.38 2.65 -16.24
CA PHE B 107 30.34 3.18 -15.28
C PHE B 107 31.27 4.21 -15.92
N ARG B 108 31.69 3.95 -17.16
CA ARG B 108 32.45 4.94 -17.93
C ARG B 108 31.66 6.23 -18.07
N ILE B 109 30.38 6.13 -18.44
CA ILE B 109 29.54 7.30 -18.60
C ILE B 109 29.38 8.03 -17.27
N ALA B 110 29.27 7.26 -16.18
CA ALA B 110 29.24 7.89 -14.85
C ALA B 110 30.51 8.66 -14.57
N GLU B 111 31.67 8.06 -14.87
CA GLU B 111 32.95 8.72 -14.70
C GLU B 111 33.04 9.98 -15.56
N LEU B 112 32.78 9.83 -16.86
CA LEU B 112 32.96 10.93 -17.80
C LEU B 112 31.95 12.06 -17.63
N SER B 113 30.76 11.77 -17.07
CA SER B 113 29.74 12.80 -16.95
C SER B 113 29.80 13.56 -15.63
N GLY B 114 30.83 13.32 -14.80
CA GLY B 114 30.94 13.96 -13.51
C GLY B 114 29.98 13.43 -12.45
N ASN B 115 29.77 12.12 -12.44
CA ASN B 115 28.75 11.47 -11.60
C ASN B 115 27.36 11.99 -11.94
N ARG B 116 27.07 12.06 -13.23
CA ARG B 116 25.73 12.40 -13.67
C ARG B 116 25.20 11.42 -14.70
N PRO B 117 25.38 10.11 -14.53
CA PRO B 117 24.86 9.19 -15.57
C PRO B 117 23.35 9.23 -15.69
N LEU B 118 22.62 9.45 -14.58
CA LEU B 118 21.18 9.43 -14.69
C LEU B 118 20.69 10.56 -15.59
N THR B 119 21.22 11.76 -15.37
CA THR B 119 20.83 12.92 -16.15
C THR B 119 21.18 12.76 -17.63
N VAL B 120 22.44 12.41 -17.93
CA VAL B 120 22.83 12.37 -19.34
C VAL B 120 22.18 11.20 -20.05
N ILE B 121 21.99 10.06 -19.37
CA ILE B 121 21.36 8.94 -20.05
C ILE B 121 19.87 9.21 -20.25
N MET B 122 19.21 9.82 -19.26
CA MET B 122 17.81 10.20 -19.41
C MET B 122 17.64 11.28 -20.47
N HIS B 123 18.51 12.29 -20.45
CA HIS B 123 18.46 13.34 -21.47
C HIS B 123 18.58 12.74 -22.87
N THR B 124 19.60 11.89 -23.07
CA THR B 124 19.82 11.28 -24.38
C THR B 124 18.61 10.46 -24.82
N ILE B 125 18.09 9.62 -23.92
CA ILE B 125 16.99 8.74 -24.30
C ILE B 125 15.75 9.55 -24.65
N PHE B 126 15.54 10.69 -24.01
CA PHE B 126 14.39 11.52 -24.37
C PHE B 126 14.55 12.09 -25.78
N GLN B 127 15.75 12.57 -26.12
CA GLN B 127 16.05 12.95 -27.50
C GLN B 127 15.77 11.79 -28.45
N GLU B 128 16.46 10.67 -28.22
CA GLU B 128 16.38 9.51 -29.11
C GLU B 128 14.94 9.09 -29.37
N ARG B 129 14.04 9.27 -28.40
CA ARG B 129 12.66 8.84 -28.54
C ARG B 129 11.71 9.99 -28.86
N ASP B 130 12.22 11.22 -28.98
CA ASP B 130 11.42 12.38 -29.37
C ASP B 130 10.36 12.70 -28.32
N LEU B 131 10.74 12.56 -27.04
CA LEU B 131 9.79 12.76 -25.95
C LEU B 131 9.67 14.22 -25.54
N LEU B 132 10.72 15.03 -25.71
CA LEU B 132 10.56 16.45 -25.41
C LEU B 132 9.59 17.11 -26.38
N LYS B 133 9.62 16.70 -27.64
CA LYS B 133 8.67 17.25 -28.61
C LYS B 133 7.28 16.68 -28.40
N THR B 134 7.18 15.35 -28.32
CA THR B 134 5.88 14.70 -28.22
C THR B 134 5.08 15.19 -27.01
N PHE B 135 5.76 15.57 -25.91
CA PHE B 135 5.08 15.98 -24.69
C PHE B 135 5.42 17.39 -24.25
N LYS B 136 6.06 18.17 -25.12
CA LYS B 136 6.34 19.60 -24.88
C LYS B 136 7.05 19.82 -23.55
N ILE B 137 8.14 19.07 -23.33
CA ILE B 137 8.95 19.19 -22.12
C ILE B 137 10.03 20.24 -22.39
N PRO B 138 10.01 21.39 -21.71
CA PRO B 138 11.10 22.35 -21.85
C PRO B 138 12.41 21.69 -21.45
N VAL B 139 13.44 21.89 -22.28
CA VAL B 139 14.68 21.16 -22.09
C VAL B 139 15.32 21.52 -20.75
N ASP B 140 15.22 22.79 -20.33
CA ASP B 140 15.79 23.18 -19.05
C ASP B 140 15.03 22.55 -17.89
N THR B 141 13.70 22.40 -18.04
CA THR B 141 12.91 21.74 -17.01
C THR B 141 13.32 20.28 -16.86
N LEU B 142 13.52 19.59 -17.98
CA LEU B 142 14.03 18.22 -17.94
C LEU B 142 15.34 18.14 -17.16
N ILE B 143 16.27 19.05 -17.45
CA ILE B 143 17.59 18.98 -16.83
C ILE B 143 17.50 19.29 -15.35
N THR B 144 16.69 20.28 -14.99
CA THR B 144 16.58 20.65 -13.59
C THR B 144 16.01 19.51 -12.77
N TYR B 145 14.96 18.86 -13.27
CA TYR B 145 14.38 17.76 -12.52
C TYR B 145 15.35 16.59 -12.44
N LEU B 146 15.92 16.20 -13.58
CA LEU B 146 16.84 15.06 -13.61
C LEU B 146 18.00 15.24 -12.65
N MET B 147 18.41 16.48 -12.40
CA MET B 147 19.53 16.71 -11.51
C MET B 147 19.11 16.76 -10.04
N THR B 148 17.91 17.27 -9.75
CA THR B 148 17.39 17.13 -8.40
C THR B 148 17.12 15.67 -8.06
N LEU B 149 16.58 14.93 -9.03
CA LEU B 149 16.36 13.49 -8.84
C LEU B 149 17.66 12.78 -8.54
N GLU B 150 18.67 12.96 -9.40
CA GLU B 150 19.95 12.29 -9.22
C GLU B 150 20.57 12.62 -7.86
N ASP B 151 20.40 13.87 -7.40
CA ASP B 151 20.93 14.28 -6.09
C ASP B 151 20.27 13.55 -4.93
N HIS B 152 19.07 13.01 -5.12
CA HIS B 152 18.41 12.28 -4.07
C HIS B 152 18.72 10.78 -4.10
N TYR B 153 19.53 10.33 -5.05
CA TYR B 153 20.20 9.05 -4.90
C TYR B 153 21.46 9.24 -4.06
N HIS B 154 21.69 8.31 -3.13
CA HIS B 154 22.74 8.45 -2.12
C HIS B 154 24.11 8.12 -2.70
N ALA B 155 25.05 9.05 -2.60
CA ALA B 155 26.40 8.80 -3.10
C ALA B 155 27.18 7.77 -2.29
N ASP B 156 26.81 7.53 -1.03
CA ASP B 156 27.53 6.60 -0.17
C ASP B 156 26.85 5.24 -0.06
N VAL B 157 25.97 4.92 -1.01
CA VAL B 157 25.32 3.62 -1.10
C VAL B 157 25.93 2.92 -2.31
N ALA B 158 26.48 1.72 -2.12
CA ALA B 158 27.35 1.13 -3.13
C ALA B 158 26.60 0.63 -4.36
N TYR B 159 25.38 0.10 -4.19
CA TYR B 159 24.63 -0.43 -5.32
C TYR B 159 23.43 0.45 -5.67
N HIS B 160 22.54 0.72 -4.71
CA HIS B 160 21.28 1.42 -5.00
C HIS B 160 21.51 2.94 -5.07
N ASN B 161 22.25 3.34 -6.12
CA ASN B 161 22.60 4.74 -6.31
C ASN B 161 22.21 5.19 -7.72
N ASN B 162 22.69 6.37 -8.13
CA ASN B 162 22.32 6.95 -9.41
C ASN B 162 22.84 6.14 -10.61
N ILE B 163 23.92 5.35 -10.43
CA ILE B 163 24.40 4.55 -11.55
C ILE B 163 23.45 3.40 -11.81
N HIS B 164 22.95 2.77 -10.74
CA HIS B 164 21.96 1.71 -10.92
C HIS B 164 20.67 2.26 -11.56
N ALA B 165 20.24 3.45 -11.13
CA ALA B 165 19.09 4.08 -11.75
C ALA B 165 19.33 4.33 -13.24
N ALA B 166 20.49 4.87 -13.58
CA ALA B 166 20.80 5.12 -14.98
C ALA B 166 20.80 3.83 -15.80
N ASP B 167 21.34 2.75 -15.20
CA ASP B 167 21.41 1.46 -15.86
C ASP B 167 20.02 0.85 -16.07
N VAL B 168 19.12 0.99 -15.09
CA VAL B 168 17.80 0.42 -15.27
C VAL B 168 17.02 1.20 -16.33
N VAL B 169 17.17 2.53 -16.34
CA VAL B 169 16.58 3.37 -17.38
C VAL B 169 17.01 2.90 -18.77
N GLN B 170 18.31 2.88 -19.02
CA GLN B 170 18.80 2.51 -20.35
C GLN B 170 18.40 1.09 -20.72
N SER B 171 18.35 0.19 -19.74
CA SER B 171 17.95 -1.20 -20.02
C SER B 171 16.48 -1.27 -20.43
N THR B 172 15.61 -0.51 -19.76
CA THR B 172 14.20 -0.46 -20.14
C THR B 172 14.06 0.15 -21.54
N HIS B 173 14.78 1.23 -21.79
CA HIS B 173 14.84 1.82 -23.13
C HIS B 173 15.11 0.77 -24.22
N VAL B 174 16.04 -0.16 -23.96
CA VAL B 174 16.35 -1.19 -24.95
C VAL B 174 15.20 -2.17 -25.07
N LEU B 175 14.66 -2.65 -23.94
CA LEU B 175 13.62 -3.66 -23.99
C LEU B 175 12.34 -3.13 -24.64
N LEU B 176 12.10 -1.83 -24.59
CA LEU B 176 10.97 -1.19 -25.26
C LEU B 176 11.16 -1.11 -26.77
N SER B 177 12.28 -1.61 -27.31
CA SER B 177 12.52 -1.60 -28.74
C SER B 177 12.57 -2.99 -29.32
N THR B 178 12.47 -4.03 -28.48
CA THR B 178 12.20 -5.41 -28.86
C THR B 178 11.21 -5.44 -30.02
N PRO B 179 11.66 -5.76 -31.26
CA PRO B 179 10.71 -5.87 -32.38
C PRO B 179 9.40 -6.58 -32.06
N ALA B 180 9.45 -7.58 -31.17
CA ALA B 180 8.23 -8.33 -30.84
C ALA B 180 7.22 -7.45 -30.07
N LEU B 181 7.56 -6.17 -29.85
CA LEU B 181 6.72 -5.23 -29.13
C LEU B 181 6.41 -3.97 -29.93
N GLU B 182 6.57 -4.03 -31.26
CA GLU B 182 5.93 -3.20 -32.30
C GLU B 182 5.35 -1.82 -32.01
N ALA B 183 5.96 -1.03 -31.13
CA ALA B 183 5.20 0.09 -30.56
C ALA B 183 3.83 -0.38 -30.10
N VAL B 184 3.79 -1.60 -29.50
CA VAL B 184 2.62 -2.04 -28.72
C VAL B 184 2.14 -0.94 -27.80
N PHE B 185 3.09 -0.21 -27.25
CA PHE B 185 2.86 0.77 -26.21
C PHE B 185 2.75 2.15 -26.80
N THR B 186 1.77 2.89 -26.32
CA THR B 186 1.59 4.29 -26.67
C THR B 186 2.80 5.09 -26.23
N ASP B 187 2.88 6.33 -26.70
CA ASP B 187 3.95 7.21 -26.27
C ASP B 187 3.87 7.54 -24.78
N LEU B 188 2.66 7.57 -24.23
CA LEU B 188 2.55 7.82 -22.79
C LEU B 188 2.98 6.60 -21.99
N GLU B 189 2.62 5.40 -22.50
CA GLU B 189 3.06 4.17 -21.86
C GLU B 189 4.58 4.03 -21.91
N ILE B 190 5.20 4.56 -22.95
CA ILE B 190 6.66 4.57 -23.05
C ILE B 190 7.25 5.58 -22.06
N LEU B 191 6.67 6.79 -22.01
CA LEU B 191 7.14 7.79 -21.05
C LEU B 191 7.05 7.27 -19.62
N ALA B 192 5.98 6.54 -19.30
CA ALA B 192 5.79 6.08 -17.93
C ALA B 192 6.83 5.06 -17.53
N ALA B 193 7.11 4.10 -18.42
CA ALA B 193 8.08 3.05 -18.10
C ALA B 193 9.47 3.62 -17.90
N ILE B 194 9.82 4.68 -18.63
CA ILE B 194 11.14 5.29 -18.55
C ILE B 194 11.24 6.19 -17.32
N PHE B 195 10.20 6.97 -17.06
CA PHE B 195 10.18 7.77 -15.84
C PHE B 195 10.19 6.87 -14.61
N ALA B 196 9.41 5.79 -14.63
CA ALA B 196 9.36 4.87 -13.49
C ALA B 196 10.74 4.27 -13.24
N SER B 197 11.42 3.82 -14.30
CA SER B 197 12.79 3.33 -14.20
C SER B 197 13.70 4.34 -13.52
N ALA B 198 13.61 5.62 -13.92
CA ALA B 198 14.53 6.62 -13.39
C ALA B 198 14.34 6.84 -11.88
N ILE B 199 13.10 6.79 -11.40
CA ILE B 199 12.82 7.08 -10.00
C ILE B 199 12.71 5.82 -9.15
N HIS B 200 12.87 4.63 -9.73
CA HIS B 200 12.39 3.43 -9.06
C HIS B 200 13.13 3.10 -7.76
N ASP B 201 14.31 3.70 -7.51
CA ASP B 201 15.05 3.44 -6.27
C ASP B 201 15.47 4.73 -5.56
N VAL B 202 14.82 5.86 -5.85
CA VAL B 202 15.36 7.14 -5.40
C VAL B 202 15.30 7.23 -3.88
N ASP B 203 16.37 7.78 -3.29
CA ASP B 203 16.52 7.94 -1.84
C ASP B 203 16.63 6.59 -1.12
N HIS B 204 17.15 5.57 -1.80
CA HIS B 204 17.36 4.27 -1.19
C HIS B 204 18.41 4.39 -0.10
N PRO B 205 18.13 3.93 1.13
CA PRO B 205 19.14 4.02 2.19
C PRO B 205 20.16 2.88 2.21
N GLY B 206 20.08 1.91 1.29
CA GLY B 206 21.05 0.84 1.24
C GLY B 206 20.76 -0.31 2.18
N VAL B 207 19.53 -0.43 2.69
CA VAL B 207 19.10 -1.56 3.50
C VAL B 207 17.79 -2.06 2.92
N SER B 208 17.49 -3.33 3.19
CA SER B 208 16.32 -3.98 2.62
C SER B 208 15.04 -3.57 3.35
N ASN B 209 13.91 -3.89 2.70
CA ASN B 209 12.60 -3.73 3.32
C ASN B 209 12.53 -4.48 4.65
N GLN B 210 13.02 -5.73 4.66
CA GLN B 210 12.99 -6.53 5.89
C GLN B 210 13.79 -5.87 7.02
N PHE B 211 14.96 -5.30 6.70
CA PHE B 211 15.72 -4.57 7.73
C PHE B 211 14.93 -3.39 8.27
N LEU B 212 14.26 -2.64 7.38
CA LEU B 212 13.47 -1.50 7.80
C LEU B 212 12.31 -1.93 8.71
N ILE B 213 11.69 -3.07 8.40
CA ILE B 213 10.62 -3.59 9.24
C ILE B 213 11.16 -4.01 10.61
N ASN B 214 12.29 -4.73 10.61
CA ASN B 214 12.81 -5.31 11.85
C ASN B 214 13.39 -4.26 12.79
N THR B 215 13.84 -3.13 12.28
CA THR B 215 14.35 -2.10 13.15
C THR B 215 13.27 -1.08 13.52
N ASN B 216 12.01 -1.37 13.20
CA ASN B 216 10.89 -0.48 13.51
C ASN B 216 11.18 0.94 13.05
N SER B 217 11.63 1.05 11.80
CA SER B 217 12.07 2.31 11.21
C SER B 217 10.89 3.24 10.93
N GLU B 218 11.23 4.53 10.77
CA GLU B 218 10.24 5.51 10.34
C GLU B 218 9.58 5.11 9.03
N LEU B 219 10.37 4.59 8.09
CA LEU B 219 9.83 4.21 6.79
C LEU B 219 8.80 3.10 6.92
N ALA B 220 9.14 2.04 7.67
CA ALA B 220 8.19 0.95 7.84
C ALA B 220 6.95 1.38 8.61
N LEU B 221 7.13 2.30 9.56
CA LEU B 221 5.98 2.83 10.31
C LEU B 221 5.06 3.66 9.42
N MET B 222 5.65 4.45 8.51
CA MET B 222 4.85 5.22 7.55
C MET B 222 4.02 4.31 6.65
N TYR B 223 4.63 3.26 6.13
CA TYR B 223 4.06 2.47 5.05
C TYR B 223 3.52 1.12 5.50
N ASN B 224 3.38 0.90 6.82
CA ASN B 224 2.71 -0.30 7.32
C ASN B 224 3.32 -1.58 6.77
N ASP B 225 4.65 -1.63 6.67
CA ASP B 225 5.42 -2.82 6.37
C ASP B 225 5.20 -3.35 4.95
N SER B 226 4.45 -2.65 4.10
CA SER B 226 4.08 -3.17 2.78
C SER B 226 4.80 -2.35 1.72
N SER B 227 5.65 -3.00 0.92
CA SER B 227 6.43 -2.34 -0.15
C SER B 227 7.00 -1.02 0.35
N VAL B 228 7.72 -1.12 1.47
CA VAL B 228 8.11 0.08 2.21
C VAL B 228 8.99 0.98 1.35
N LEU B 229 10.08 0.43 0.81
CA LEU B 229 10.98 1.26 -0.02
C LEU B 229 10.28 1.73 -1.29
N GLU B 230 9.54 0.83 -1.94
CA GLU B 230 8.99 1.14 -3.26
C GLU B 230 7.95 2.25 -3.17
N ASN B 231 7.16 2.27 -2.10
CA ASN B 231 6.24 3.39 -1.87
C ASN B 231 7.01 4.68 -1.69
N HIS B 232 8.11 4.62 -0.97
CA HIS B 232 8.91 5.80 -0.71
C HIS B 232 9.56 6.34 -1.99
N HIS B 233 10.13 5.45 -2.82
CA HIS B 233 10.74 5.88 -4.07
C HIS B 233 9.73 6.65 -4.94
N LEU B 234 8.52 6.10 -5.06
CA LEU B 234 7.41 6.78 -5.75
C LEU B 234 7.14 8.15 -5.16
N ALA B 235 6.92 8.19 -3.84
CA ALA B 235 6.56 9.44 -3.19
C ALA B 235 7.65 10.51 -3.36
N VAL B 236 8.92 10.11 -3.27
CA VAL B 236 10.00 11.06 -3.49
C VAL B 236 10.05 11.48 -4.96
N GLY B 237 10.05 10.51 -5.86
CA GLY B 237 10.12 10.81 -7.29
C GLY B 237 9.03 11.76 -7.74
N PHE B 238 7.81 11.59 -7.22
CA PHE B 238 6.71 12.47 -7.60
C PHE B 238 6.84 13.83 -6.92
N LYS B 239 7.19 13.84 -5.63
CA LYS B 239 7.29 15.09 -4.88
C LYS B 239 8.31 16.05 -5.49
N LEU B 240 9.41 15.52 -6.03
CA LEU B 240 10.44 16.39 -6.62
C LEU B 240 9.94 17.14 -7.86
N LEU B 241 8.89 16.65 -8.53
CA LEU B 241 8.30 17.40 -9.64
C LEU B 241 7.78 18.76 -9.21
N GLN B 242 7.58 18.98 -7.92
CA GLN B 242 7.00 20.20 -7.38
C GLN B 242 8.05 21.25 -7.02
N GLU B 243 9.33 20.90 -7.14
CA GLU B 243 10.38 21.89 -6.93
C GLU B 243 10.40 22.87 -8.11
N GLU B 244 11.07 24.01 -7.90
CA GLU B 244 11.05 25.09 -8.88
C GLU B 244 11.61 24.64 -10.23
N ASN B 245 10.77 24.80 -11.27
CA ASN B 245 11.10 24.44 -12.66
C ASN B 245 11.42 22.95 -12.82
N CYS B 246 10.78 22.08 -12.03
CA CYS B 246 11.04 20.65 -12.15
C CYS B 246 9.87 19.86 -12.73
N ASP B 247 8.74 20.50 -13.03
CA ASP B 247 7.55 19.77 -13.46
C ASP B 247 7.66 19.48 -14.95
N ILE B 248 8.30 18.37 -15.28
CA ILE B 248 8.45 17.98 -16.68
C ILE B 248 7.13 17.56 -17.31
N PHE B 249 6.06 17.42 -16.53
CA PHE B 249 4.76 17.04 -17.07
C PHE B 249 3.79 18.22 -17.11
N GLN B 250 4.31 19.45 -17.05
CA GLN B 250 3.46 20.64 -16.98
C GLN B 250 2.56 20.80 -18.19
N ASN B 251 2.99 20.31 -19.36
CA ASN B 251 2.20 20.46 -20.59
C ASN B 251 1.51 19.17 -21.02
N LEU B 252 1.42 18.18 -20.13
CA LEU B 252 0.50 17.09 -20.35
C LEU B 252 -0.90 17.52 -19.96
N THR B 253 -1.90 16.93 -20.61
CA THR B 253 -3.27 17.19 -20.19
C THR B 253 -3.51 16.58 -18.81
N LYS B 254 -4.61 17.02 -18.19
CA LYS B 254 -4.94 16.53 -16.85
C LYS B 254 -5.15 15.01 -16.86
N LYS B 255 -5.79 14.49 -17.92
CA LYS B 255 -6.00 13.05 -18.03
C LYS B 255 -4.69 12.32 -18.29
N GLN B 256 -3.82 12.89 -19.12
CA GLN B 256 -2.53 12.26 -19.37
C GLN B 256 -1.73 12.13 -18.08
N ARG B 257 -1.69 13.20 -17.28
CA ARG B 257 -0.99 13.17 -15.99
C ARG B 257 -1.56 12.10 -15.08
N GLN B 258 -2.88 12.01 -15.02
CA GLN B 258 -3.54 10.99 -14.19
C GLN B 258 -3.20 9.58 -14.66
N SER B 259 -3.18 9.36 -15.98
CA SER B 259 -2.86 8.04 -16.50
C SER B 259 -1.40 7.70 -16.27
N LEU B 260 -0.50 8.66 -16.48
CA LEU B 260 0.92 8.42 -16.25
C LEU B 260 1.20 8.09 -14.79
N ARG B 261 0.60 8.85 -13.87
CA ARG B 261 0.83 8.63 -12.45
C ARG B 261 0.42 7.22 -12.04
N LYS B 262 -0.75 6.76 -12.50
CA LYS B 262 -1.20 5.41 -12.16
C LYS B 262 -0.24 4.35 -12.72
N MET B 263 0.21 4.53 -13.96
CA MET B 263 1.10 3.54 -14.58
C MET B 263 2.45 3.51 -13.86
N VAL B 264 2.99 4.69 -13.51
CA VAL B 264 4.27 4.75 -12.82
C VAL B 264 4.18 4.05 -11.47
N ILE B 265 3.14 4.38 -10.69
CA ILE B 265 2.89 3.70 -9.42
C ILE B 265 2.81 2.19 -9.59
N ASP B 266 2.00 1.74 -10.56
CA ASP B 266 1.83 0.30 -10.80
C ASP B 266 3.15 -0.36 -11.18
N ILE B 267 4.01 0.34 -11.92
CA ILE B 267 5.28 -0.26 -12.31
C ILE B 267 6.24 -0.31 -11.13
N VAL B 268 6.43 0.83 -10.45
CA VAL B 268 7.44 0.86 -9.40
C VAL B 268 7.06 -0.07 -8.27
N LEU B 269 5.78 -0.10 -7.89
CA LEU B 269 5.35 -1.03 -6.87
C LEU B 269 5.71 -2.47 -7.25
N ALA B 270 5.71 -2.79 -8.55
CA ALA B 270 6.04 -4.15 -8.96
C ALA B 270 7.53 -4.45 -8.90
N THR B 271 8.40 -3.48 -8.57
CA THR B 271 9.80 -3.84 -8.40
C THR B 271 10.08 -4.44 -7.02
N ASP B 272 9.11 -4.41 -6.13
CA ASP B 272 9.23 -5.03 -4.82
C ASP B 272 9.55 -6.50 -5.00
N MET B 273 10.67 -6.96 -4.45
CA MET B 273 11.10 -8.32 -4.75
C MET B 273 10.17 -9.37 -4.17
N SER B 274 9.40 -9.03 -3.14
CA SER B 274 8.46 -10.00 -2.60
C SER B 274 7.29 -10.26 -3.53
N LYS B 275 7.13 -9.46 -4.58
CA LYS B 275 6.10 -9.68 -5.57
C LYS B 275 6.62 -10.40 -6.81
N HIS B 276 7.87 -10.85 -6.79
CA HIS B 276 8.48 -11.43 -7.99
C HIS B 276 7.72 -12.67 -8.47
N MET B 277 7.41 -13.60 -7.56
CA MET B 277 6.85 -14.88 -7.96
C MET B 277 5.47 -14.72 -8.60
N ASN B 278 4.57 -13.97 -7.95
CA ASN B 278 3.26 -13.69 -8.55
C ASN B 278 3.42 -13.02 -9.92
N LEU B 279 4.31 -12.04 -9.99
CA LEU B 279 4.54 -11.33 -11.25
C LEU B 279 4.99 -12.30 -12.34
N LEU B 280 5.92 -13.20 -12.01
CA LEU B 280 6.40 -14.17 -12.99
C LEU B 280 5.33 -15.16 -13.38
N ALA B 281 4.57 -15.66 -12.39
CA ALA B 281 3.38 -16.46 -12.68
C ALA B 281 2.51 -15.80 -13.74
N ASP B 282 2.21 -14.51 -13.56
CA ASP B 282 1.34 -13.82 -14.50
C ASP B 282 1.99 -13.67 -15.87
N LEU B 283 3.30 -13.47 -15.91
CA LEU B 283 3.97 -13.42 -17.21
C LEU B 283 3.89 -14.78 -17.91
N LYS B 284 3.96 -15.87 -17.13
CA LYS B 284 3.89 -17.21 -17.71
C LYS B 284 2.52 -17.47 -18.34
N THR B 285 1.45 -17.15 -17.60
CA THR B 285 0.10 -17.26 -18.14
C THR B 285 -0.03 -16.46 -19.44
N MET B 286 0.49 -15.24 -19.45
CA MET B 286 0.45 -14.42 -20.66
C MET B 286 1.22 -15.07 -21.80
N VAL B 287 2.21 -15.91 -21.50
CA VAL B 287 2.98 -16.56 -22.55
C VAL B 287 2.20 -17.76 -23.12
N GLU B 288 1.55 -18.55 -22.27
CA GLU B 288 0.94 -19.78 -22.76
C GLU B 288 -0.35 -19.51 -23.51
N THR B 289 -1.05 -18.42 -23.19
CA THR B 289 -2.19 -17.97 -23.96
C THR B 289 -1.86 -16.72 -24.78
N LYS B 290 -0.58 -16.57 -25.11
CA LYS B 290 -0.11 -15.44 -25.89
C LYS B 290 -0.78 -15.41 -27.26
N LYS B 291 -0.84 -14.20 -27.82
CA LYS B 291 -1.37 -14.01 -29.15
C LYS B 291 -0.51 -13.07 -29.96
N VAL B 292 -0.18 -13.48 -31.19
CA VAL B 292 0.79 -12.77 -32.01
C VAL B 292 0.23 -12.64 -33.42
N THR B 293 0.81 -11.70 -34.18
CA THR B 293 0.56 -11.67 -35.61
C THR B 293 1.21 -12.89 -36.27
N SER B 294 0.96 -13.05 -37.57
CA SER B 294 1.74 -14.01 -38.34
C SER B 294 3.20 -13.54 -38.45
N SER B 295 3.40 -12.23 -38.63
CA SER B 295 4.72 -11.62 -38.50
C SER B 295 5.33 -11.87 -37.13
N GLY B 296 4.53 -12.34 -36.16
CA GLY B 296 5.01 -12.76 -34.86
C GLY B 296 4.83 -11.72 -33.76
N VAL B 297 4.37 -10.53 -34.09
CA VAL B 297 4.40 -9.41 -33.17
C VAL B 297 3.22 -9.48 -32.20
N LEU B 298 3.46 -9.08 -30.95
CA LEU B 298 2.58 -9.39 -29.84
C LEU B 298 1.32 -8.51 -29.83
N LEU B 299 0.16 -9.12 -29.56
CA LEU B 299 -1.11 -8.40 -29.51
C LEU B 299 -1.62 -8.36 -28.08
N LEU B 300 -1.59 -7.18 -27.47
CA LEU B 300 -2.06 -6.97 -26.11
C LEU B 300 -3.19 -5.96 -26.14
N ASP B 301 -4.40 -6.38 -25.77
CA ASP B 301 -5.56 -5.54 -26.00
C ASP B 301 -6.02 -4.75 -24.77
N ASN B 302 -5.94 -5.31 -23.57
CA ASN B 302 -6.48 -4.64 -22.40
C ASN B 302 -5.36 -4.13 -21.50
N TYR B 303 -5.65 -3.03 -20.78
CA TYR B 303 -4.65 -2.40 -19.93
C TYR B 303 -4.03 -3.40 -18.97
N SER B 304 -4.83 -4.31 -18.43
CA SER B 304 -4.35 -5.25 -17.42
C SER B 304 -3.15 -6.05 -17.92
N ASP B 305 -3.20 -6.54 -19.17
CA ASP B 305 -2.05 -7.27 -19.72
C ASP B 305 -0.92 -6.34 -20.13
N ARG B 306 -1.22 -5.13 -20.62
CA ARG B 306 -0.16 -4.23 -21.05
C ARG B 306 0.63 -3.67 -19.86
N ILE B 307 -0.03 -3.41 -18.73
CA ILE B 307 0.70 -2.95 -17.56
C ILE B 307 1.53 -4.08 -16.98
N GLN B 308 1.00 -5.32 -17.05
CA GLN B 308 1.75 -6.49 -16.63
C GLN B 308 3.04 -6.64 -17.41
N VAL B 309 3.00 -6.43 -18.73
CA VAL B 309 4.23 -6.54 -19.51
C VAL B 309 5.21 -5.46 -19.07
N LEU B 310 4.74 -4.22 -18.89
CA LEU B 310 5.63 -3.13 -18.48
C LEU B 310 6.14 -3.32 -17.05
N GLN B 311 5.34 -3.93 -16.18
CA GLN B 311 5.83 -4.27 -14.85
C GLN B 311 6.96 -5.30 -14.93
N ASN B 312 6.72 -6.41 -15.63
CA ASN B 312 7.74 -7.45 -15.76
C ASN B 312 8.95 -6.94 -16.53
N MET B 313 8.74 -5.98 -17.43
CA MET B 313 9.83 -5.38 -18.17
C MET B 313 10.79 -4.61 -17.26
N VAL B 314 10.27 -3.63 -16.51
CA VAL B 314 11.12 -2.87 -15.61
C VAL B 314 11.70 -3.80 -14.54
N HIS B 315 10.94 -4.81 -14.14
CA HIS B 315 11.47 -5.86 -13.27
C HIS B 315 12.67 -6.55 -13.92
N CYS B 316 12.54 -6.95 -15.20
CA CYS B 316 13.67 -7.53 -15.93
C CYS B 316 14.85 -6.58 -15.97
N ALA B 317 14.60 -5.30 -16.25
CA ALA B 317 15.67 -4.31 -16.31
C ALA B 317 16.34 -4.12 -14.94
N ASP B 318 15.57 -4.21 -13.86
CA ASP B 318 16.12 -4.17 -12.50
C ASP B 318 16.98 -5.40 -12.25
N LEU B 319 16.60 -6.55 -12.80
CA LEU B 319 17.34 -7.80 -12.64
C LEU B 319 18.18 -8.14 -13.87
N SER B 320 18.76 -7.15 -14.52
CA SER B 320 19.47 -7.40 -15.77
C SER B 320 20.98 -7.47 -15.60
N ASN B 321 21.51 -7.19 -14.41
CA ASN B 321 22.96 -7.25 -14.21
C ASN B 321 23.56 -8.56 -14.71
N PRO B 322 23.06 -9.75 -14.34
CA PRO B 322 23.67 -10.99 -14.83
C PRO B 322 23.51 -11.24 -16.32
N THR B 323 22.81 -10.36 -17.06
CA THR B 323 22.67 -10.50 -18.50
C THR B 323 23.58 -9.55 -19.26
N LYS B 324 24.34 -8.74 -18.56
CA LYS B 324 25.26 -7.80 -19.20
C LYS B 324 26.60 -8.47 -19.42
N PRO B 325 27.45 -7.87 -20.27
CA PRO B 325 28.83 -8.32 -20.38
C PRO B 325 29.46 -8.50 -19.00
N LEU B 326 30.29 -9.54 -18.88
CA LEU B 326 30.76 -9.99 -17.58
C LEU B 326 31.53 -8.89 -16.84
N GLN B 327 32.29 -8.07 -17.56
CA GLN B 327 33.02 -6.97 -16.93
C GLN B 327 32.07 -6.01 -16.21
N LEU B 328 30.88 -5.81 -16.77
CA LEU B 328 29.87 -5.01 -16.10
C LEU B 328 29.24 -5.77 -14.93
N TYR B 329 28.86 -7.03 -15.18
CA TYR B 329 28.17 -7.83 -14.18
C TYR B 329 29.03 -7.99 -12.91
N ARG B 330 30.31 -8.28 -13.08
CA ARG B 330 31.19 -8.41 -11.93
C ARG B 330 31.22 -7.15 -11.08
N GLN B 331 31.19 -5.97 -11.71
CA GLN B 331 31.18 -4.74 -10.93
C GLN B 331 29.88 -4.59 -10.14
N TRP B 332 28.74 -4.93 -10.76
CA TRP B 332 27.47 -4.94 -10.04
C TRP B 332 27.53 -5.88 -8.86
N THR B 333 28.14 -7.06 -9.05
CA THR B 333 28.25 -8.02 -7.95
C THR B 333 29.09 -7.45 -6.80
N ASP B 334 30.21 -6.81 -7.11
CA ASP B 334 31.01 -6.17 -6.08
C ASP B 334 30.21 -5.14 -5.30
N ARG B 335 29.44 -4.31 -6.00
CA ARG B 335 28.69 -3.26 -5.33
C ARG B 335 27.56 -3.82 -4.47
N ILE B 336 26.77 -4.78 -4.99
CA ILE B 336 25.68 -5.29 -4.16
C ILE B 336 26.24 -6.01 -2.92
N MET B 337 27.36 -6.70 -3.05
CA MET B 337 27.90 -7.40 -1.88
C MET B 337 28.42 -6.41 -0.85
N GLU B 338 29.03 -5.31 -1.30
CA GLU B 338 29.45 -4.28 -0.36
C GLU B 338 28.24 -3.69 0.37
N GLU B 339 27.18 -3.39 -0.36
CA GLU B 339 25.99 -2.85 0.28
C GLU B 339 25.38 -3.85 1.27
N PHE B 340 25.27 -5.11 0.86
CA PHE B 340 24.79 -6.17 1.75
C PHE B 340 25.66 -6.30 3.00
N PHE B 341 26.99 -6.28 2.83
CA PHE B 341 27.88 -6.44 3.98
C PHE B 341 27.72 -5.29 4.95
N ARG B 342 27.55 -4.07 4.45
CA ARG B 342 27.33 -2.93 5.32
C ARG B 342 26.04 -3.09 6.12
N GLN B 343 24.98 -3.62 5.48
CA GLN B 343 23.75 -3.88 6.24
C GLN B 343 24.02 -4.90 7.34
N GLY B 344 24.77 -5.95 7.03
CA GLY B 344 25.05 -6.99 8.01
C GLY B 344 25.96 -6.50 9.13
N ASP B 345 26.79 -5.50 8.85
CA ASP B 345 27.56 -4.85 9.92
C ASP B 345 26.65 -4.03 10.81
N ARG B 346 25.69 -3.30 10.21
CA ARG B 346 24.69 -2.62 11.03
C ARG B 346 23.83 -3.63 11.79
N GLU B 347 23.52 -4.77 11.17
CA GLU B 347 22.79 -5.81 11.89
C GLU B 347 23.65 -6.41 13.02
N ARG B 348 24.97 -6.50 12.83
CA ARG B 348 25.79 -7.17 13.83
C ARG B 348 25.95 -6.31 15.08
N GLU B 349 26.30 -5.03 14.90
CA GLU B 349 26.51 -4.16 16.05
C GLU B 349 25.21 -3.88 16.80
N ARG B 350 24.06 -4.00 16.13
CA ARG B 350 22.76 -3.88 16.79
C ARG B 350 22.38 -5.14 17.55
N GLY B 351 23.14 -6.23 17.39
CA GLY B 351 22.74 -7.50 17.94
C GLY B 351 21.67 -8.23 17.17
N MET B 352 21.44 -7.87 15.91
CA MET B 352 20.38 -8.47 15.11
C MET B 352 20.88 -9.73 14.42
N GLU B 353 19.93 -10.59 14.05
CA GLU B 353 20.23 -11.73 13.19
C GLU B 353 20.67 -11.25 11.80
N ILE B 354 21.86 -11.65 11.36
CA ILE B 354 22.43 -11.16 10.11
C ILE B 354 21.70 -11.81 8.95
N SER B 355 21.27 -10.98 7.98
CA SER B 355 20.49 -11.46 6.85
C SER B 355 21.35 -12.30 5.90
N PRO B 356 20.72 -13.17 5.10
CA PRO B 356 21.46 -13.95 4.12
C PRO B 356 22.33 -13.05 3.25
N MET B 357 23.50 -13.55 2.87
CA MET B 357 24.45 -12.84 2.02
C MET B 357 24.96 -11.53 2.63
N CYS B 358 24.61 -11.22 3.87
CA CYS B 358 25.06 -9.98 4.48
C CYS B 358 26.19 -10.16 5.49
N ASP B 359 26.66 -11.40 5.70
CA ASP B 359 27.71 -11.69 6.67
C ASP B 359 29.04 -11.80 5.93
N LYS B 360 29.82 -10.71 5.95
CA LYS B 360 31.11 -10.67 5.27
C LYS B 360 32.09 -11.71 5.81
N HIS B 361 31.87 -12.24 7.01
CA HIS B 361 32.72 -13.27 7.57
C HIS B 361 32.29 -14.68 7.15
N ASN B 362 31.14 -14.84 6.52
CA ASN B 362 30.68 -16.17 6.09
C ASN B 362 29.88 -16.09 4.79
N ALA B 363 30.38 -15.35 3.82
CA ALA B 363 29.68 -15.21 2.56
C ALA B 363 30.23 -16.20 1.53
N SER B 364 29.43 -16.47 0.52
CA SER B 364 29.85 -17.25 -0.64
C SER B 364 29.32 -16.48 -1.86
N VAL B 365 30.08 -15.48 -2.28
CA VAL B 365 29.61 -14.50 -3.26
C VAL B 365 29.25 -15.18 -4.57
N GLU B 366 30.10 -16.11 -5.01
CA GLU B 366 29.86 -16.73 -6.31
C GLU B 366 28.71 -17.71 -6.23
N LYS B 367 28.65 -18.50 -5.16
CA LYS B 367 27.51 -19.41 -4.98
C LYS B 367 26.19 -18.65 -4.98
N SER B 368 26.14 -17.52 -4.27
CA SER B 368 24.94 -16.71 -4.22
C SER B 368 24.50 -16.25 -5.61
N GLN B 369 25.45 -15.74 -6.42
CA GLN B 369 25.09 -15.29 -7.77
C GLN B 369 24.50 -16.43 -8.60
N VAL B 370 25.15 -17.60 -8.55
CA VAL B 370 24.67 -18.76 -9.30
C VAL B 370 23.28 -19.16 -8.82
N GLY B 371 23.07 -19.16 -7.49
CA GLY B 371 21.75 -19.45 -6.96
C GLY B 371 20.72 -18.40 -7.34
N PHE B 372 21.12 -17.13 -7.35
CA PHE B 372 20.19 -16.08 -7.76
C PHE B 372 19.79 -16.28 -9.21
N ILE B 373 20.75 -16.62 -10.07
CA ILE B 373 20.44 -16.88 -11.47
C ILE B 373 19.50 -18.08 -11.60
N ASP B 374 19.83 -19.18 -10.90
CA ASP B 374 19.09 -20.41 -11.11
C ASP B 374 17.63 -20.28 -10.68
N TYR B 375 17.39 -19.60 -9.56
CA TYR B 375 16.06 -19.54 -8.98
C TYR B 375 15.26 -18.29 -9.38
N ILE B 376 15.91 -17.17 -9.69
CA ILE B 376 15.16 -15.94 -9.94
C ILE B 376 15.42 -15.43 -11.34
N VAL B 377 16.69 -15.17 -11.67
CA VAL B 377 16.99 -14.37 -12.85
C VAL B 377 16.79 -15.17 -14.12
N HIS B 378 17.19 -16.44 -14.14
CA HIS B 378 16.97 -17.22 -15.37
C HIS B 378 15.49 -17.53 -15.58
N PRO B 379 14.73 -18.00 -14.58
CA PRO B 379 13.29 -18.19 -14.83
C PRO B 379 12.64 -16.93 -15.37
N LEU B 380 12.98 -15.76 -14.83
CA LEU B 380 12.38 -14.53 -15.31
C LEU B 380 12.75 -14.26 -16.77
N TRP B 381 14.05 -14.29 -17.09
CA TRP B 381 14.46 -13.98 -18.45
C TRP B 381 14.12 -15.10 -19.44
N GLU B 382 13.92 -16.33 -18.97
CA GLU B 382 13.49 -17.40 -19.88
C GLU B 382 12.03 -17.25 -20.24
N THR B 383 11.21 -16.82 -19.27
CA THR B 383 9.81 -16.54 -19.57
C THR B 383 9.67 -15.31 -20.46
N TRP B 384 10.52 -14.28 -20.23
CA TRP B 384 10.44 -13.09 -21.07
C TRP B 384 10.98 -13.33 -22.47
N ALA B 385 11.93 -14.26 -22.62
CA ALA B 385 12.43 -14.58 -23.94
C ALA B 385 11.38 -15.27 -24.78
N ASP B 386 10.65 -16.23 -24.18
CA ASP B 386 9.46 -16.80 -24.80
C ASP B 386 8.52 -15.70 -25.29
N LEU B 387 8.23 -14.73 -24.42
CA LEU B 387 7.27 -13.68 -24.76
C LEU B 387 7.70 -12.89 -25.98
N VAL B 388 9.00 -12.70 -26.20
CA VAL B 388 9.45 -11.77 -27.23
C VAL B 388 10.28 -12.47 -28.31
N HIS B 389 10.19 -13.80 -28.39
CA HIS B 389 10.90 -14.65 -29.36
C HIS B 389 10.97 -14.03 -30.78
N PRO B 390 12.18 -13.87 -31.35
CA PRO B 390 13.54 -14.28 -30.97
C PRO B 390 14.37 -13.19 -30.32
N ASP B 391 13.71 -12.11 -29.91
CA ASP B 391 14.44 -10.87 -29.68
C ASP B 391 15.37 -10.94 -28.46
N ALA B 392 15.16 -11.90 -27.56
CA ALA B 392 15.89 -11.94 -26.31
C ALA B 392 17.02 -12.96 -26.30
N GLN B 393 17.38 -13.52 -27.46
CA GLN B 393 18.35 -14.61 -27.47
C GLN B 393 19.75 -14.12 -27.10
N ASP B 394 20.18 -12.98 -27.65
CA ASP B 394 21.48 -12.42 -27.31
C ASP B 394 21.57 -12.11 -25.82
N ILE B 395 20.48 -11.59 -25.25
CA ILE B 395 20.44 -11.36 -23.81
C ILE B 395 20.46 -12.68 -23.06
N LEU B 396 19.57 -13.60 -23.42
CA LEU B 396 19.53 -14.87 -22.71
C LEU B 396 20.84 -15.63 -22.87
N ASP B 397 21.55 -15.43 -24.00
CA ASP B 397 22.84 -16.09 -24.20
C ASP B 397 23.87 -15.59 -23.19
N THR B 398 24.02 -14.27 -23.10
CA THR B 398 24.97 -13.70 -22.14
C THR B 398 24.71 -14.22 -20.72
N LEU B 399 23.43 -14.36 -20.35
CA LEU B 399 23.10 -14.82 -19.00
C LEU B 399 23.62 -16.21 -18.74
N GLU B 400 23.46 -17.11 -19.72
CA GLU B 400 23.95 -18.48 -19.57
C GLU B 400 25.47 -18.52 -19.54
N ASP B 401 26.13 -17.71 -20.38
CA ASP B 401 27.58 -17.58 -20.33
C ASP B 401 28.02 -17.13 -18.94
N ASN B 402 27.38 -16.08 -18.42
CA ASN B 402 27.79 -15.50 -17.14
C ASN B 402 27.56 -16.47 -15.99
N ARG B 403 26.48 -17.26 -16.07
CA ARG B 403 26.21 -18.25 -15.03
C ARG B 403 27.26 -19.36 -15.04
N GLU B 404 27.65 -19.80 -16.24
CA GLU B 404 28.69 -20.82 -16.37
C GLU B 404 30.02 -20.33 -15.83
N TRP B 405 30.36 -19.07 -16.09
CA TRP B 405 31.61 -18.51 -15.59
C TRP B 405 31.63 -18.47 -14.06
N TYR B 406 30.60 -17.88 -13.45
CA TYR B 406 30.54 -17.82 -12.00
C TYR B 406 30.62 -19.20 -11.38
N GLN B 407 29.93 -20.18 -11.98
CA GLN B 407 30.02 -21.54 -11.46
C GLN B 407 31.45 -22.06 -11.54
N SER B 408 32.18 -21.69 -12.60
CA SER B 408 33.55 -22.19 -12.73
C SER B 408 34.48 -21.59 -11.68
N THR B 409 34.14 -20.43 -11.10
CA THR B 409 34.96 -19.88 -10.01
C THR B 409 34.74 -20.63 -8.70
N ILE B 410 33.78 -21.55 -8.64
CA ILE B 410 33.57 -22.31 -7.43
C ILE B 410 34.43 -23.56 -7.46
#